data_9F8V
#
_entry.id   9F8V
#
_cell.length_a   81.501
_cell.length_b   81.598
_cell.length_c   170.355
_cell.angle_alpha   90.000
_cell.angle_beta   90.000
_cell.angle_gamma   90.000
#
_symmetry.space_group_name_H-M   'P 21 21 21'
#
loop_
_entity.id
_entity.type
_entity.pdbx_description
1 polymer 'N-glycosylase/DNA lyase'
2 non-polymer 2-azanyl-8-propyl-3,7-dihydropurine-6-thione
3 non-polymer 'NICKEL (II) ION'
4 water water
#
_entity_poly.entity_id   1
_entity_poly.type   'polypeptide(L)'
_entity_poly.pdbx_seq_one_letter_code
;GSHMRHRTLSSSPALWASIPCPRSELRLDLVLASGQSFRWKEQSPAHWSGVLADQVWTLTQTEDQLYCTVYRGDDSQVSR
PTLEELETLHKYFQLDVSLAQLYSHWASVDSHFQRVAQKFQGVRLLRQDPTECLFSFICSSNNNIARITGMVERLCQAFG
PRLIQLDDVTYHGFPNLHALAGPEAETHLRKLGLGYRARYVRASAKAILEEQGGPAWLQQLRVAPYEEAHKALCTLPGVG
AKVADCICLMALDKPQAVPVDVHVWQIAHRDYGWHPKTSQAKGPSPLANKELGNFFRNLWGPYAGWAQAVLFSADLRQ
;
_entity_poly.pdbx_strand_id   A,B,C
#
# COMPACT_ATOMS: atom_id res chain seq x y z
N HIS A 3 0.89 37.76 28.09
CA HIS A 3 2.08 38.22 28.87
C HIS A 3 3.11 37.12 28.96
N MET A 4 2.76 35.97 29.56
CA MET A 4 3.66 34.82 29.68
C MET A 4 3.61 34.00 28.39
N ARG A 5 4.77 33.47 28.03
CA ARG A 5 4.98 32.93 26.70
C ARG A 5 5.26 31.42 26.83
N HIS A 6 4.95 30.63 25.80
CA HIS A 6 5.34 29.21 25.83
C HIS A 6 6.88 29.09 25.75
N ARG A 7 7.48 28.42 26.73
CA ARG A 7 8.91 28.22 26.77
C ARG A 7 9.40 27.32 25.64
N THR A 8 10.67 27.55 25.25
CA THR A 8 11.47 26.62 24.48
C THR A 8 12.71 26.30 25.28
N LEU A 9 13.47 25.30 24.83
CA LEU A 9 14.65 24.84 25.57
C LEU A 9 15.72 25.94 25.58
N SER A 10 15.89 26.58 24.40
CA SER A 10 16.73 27.74 24.20
C SER A 10 16.39 28.84 25.21
N SER A 11 15.12 29.28 25.23
CA SER A 11 14.67 30.39 26.06
C SER A 11 15.09 30.24 27.52
N SER A 12 14.54 29.24 28.20
CA SER A 12 14.54 29.27 29.65
C SER A 12 15.16 28.01 30.24
N PRO A 13 16.40 27.62 29.85
CA PRO A 13 16.95 26.30 30.16
C PRO A 13 17.14 26.10 31.66
N ALA A 14 17.12 27.22 32.39
CA ALA A 14 17.11 27.21 33.85
C ALA A 14 15.85 26.55 34.40
N LEU A 15 14.81 26.44 33.58
CA LEU A 15 13.52 26.00 34.08
C LEU A 15 13.14 24.63 33.53
N TRP A 16 14.00 24.02 32.70
CA TRP A 16 13.76 22.66 32.26
C TRP A 16 14.53 21.66 33.11
N ALA A 17 13.87 20.53 33.36
CA ALA A 17 14.49 19.33 33.91
C ALA A 17 14.43 18.25 32.84
N SER A 18 15.14 17.14 33.06
CA SER A 18 15.25 16.11 32.05
C SER A 18 15.02 14.74 32.68
N ILE A 19 14.53 13.84 31.84
CA ILE A 19 14.31 12.45 32.21
C ILE A 19 15.07 11.61 31.19
N PRO A 20 15.95 10.71 31.67
CA PRO A 20 16.76 9.92 30.75
C PRO A 20 15.77 9.05 29.98
N CYS A 21 15.67 9.24 28.67
CA CYS A 21 14.69 8.48 27.89
C CYS A 21 15.08 8.44 26.42
N PRO A 22 15.47 7.27 25.90
CA PRO A 22 15.77 7.14 24.49
C PRO A 22 14.61 7.49 23.59
N ARG A 23 14.90 8.19 22.50
CA ARG A 23 13.96 8.43 21.44
C ARG A 23 13.27 7.12 21.07
N SER A 24 13.98 6.00 21.19
CA SER A 24 13.49 4.71 20.74
C SER A 24 12.37 4.14 21.63
N GLU A 25 12.33 4.60 22.88
CA GLU A 25 11.30 4.27 23.84
C GLU A 25 10.06 5.21 23.77
N LEU A 26 10.22 6.39 23.17
CA LEU A 26 9.17 7.37 23.09
C LEU A 26 9.45 8.43 22.03
N ARG A 27 8.65 8.45 20.99
CA ARG A 27 8.62 9.56 20.07
C ARG A 27 7.40 10.44 20.38
N LEU A 28 7.65 11.60 21.00
CA LEU A 28 6.63 12.59 21.34
C LEU A 28 5.71 12.87 20.17
N ASP A 29 6.33 13.02 19.00
CA ASP A 29 5.56 13.44 17.83
C ASP A 29 4.64 12.31 17.36
N LEU A 30 4.90 11.04 17.70
CA LEU A 30 4.06 9.93 17.21
C LEU A 30 2.98 9.55 18.23
N VAL A 31 3.09 10.07 19.45
CA VAL A 31 2.29 9.63 20.58
C VAL A 31 1.28 10.72 20.91
N LEU A 32 1.77 11.97 21.01
CA LEU A 32 1.03 13.01 21.67
C LEU A 32 -0.14 13.53 20.85
N ALA A 33 -0.21 13.18 19.56
CA ALA A 33 -1.28 13.67 18.72
C ALA A 33 -1.64 12.66 17.65
N SER A 34 -1.66 11.40 18.03
CA SER A 34 -2.03 10.37 17.08
C SER A 34 -3.24 9.59 17.63
N GLY A 35 -4.08 10.23 18.43
CA GLY A 35 -5.40 9.70 18.71
C GLY A 35 -5.48 8.98 20.06
N GLN A 36 -4.59 9.31 21.00
CA GLN A 36 -4.65 8.84 22.38
C GLN A 36 -5.17 9.96 23.31
N SER A 37 -4.35 10.98 23.51
CA SER A 37 -4.75 12.22 24.18
C SER A 37 -5.05 13.26 23.13
N PHE A 38 -5.93 14.21 23.46
CA PHE A 38 -6.25 15.27 22.50
C PHE A 38 -5.86 16.63 23.07
N ARG A 39 -5.08 16.68 24.15
CA ARG A 39 -4.76 17.90 24.87
C ARG A 39 -3.33 18.39 24.59
N TRP A 40 -2.63 17.86 23.58
CA TRP A 40 -1.25 18.28 23.34
C TRP A 40 -1.14 18.96 21.98
N LYS A 41 -0.42 20.09 21.89
CA LYS A 41 -0.14 20.72 20.61
C LYS A 41 1.31 21.20 20.52
N GLU A 42 1.92 20.98 19.34
CA GLU A 42 3.22 21.50 18.98
C GLU A 42 3.13 23.01 18.80
N GLN A 43 3.23 23.79 19.87
CA GLN A 43 2.97 25.23 19.78
C GLN A 43 4.15 25.92 19.08
N SER A 44 5.37 25.43 19.30
CA SER A 44 6.55 25.76 18.52
C SER A 44 7.30 24.48 18.17
N PRO A 45 8.06 24.44 17.06
CA PRO A 45 8.57 23.16 16.52
C PRO A 45 9.33 22.31 17.54
N ALA A 46 8.99 21.00 17.58
CA ALA A 46 9.54 20.02 18.52
C ALA A 46 9.14 20.25 19.98
N HIS A 47 8.29 21.24 20.25
CA HIS A 47 7.88 21.58 21.62
C HIS A 47 6.37 21.34 21.78
N TRP A 48 6.02 20.40 22.66
CA TRP A 48 4.62 20.01 22.82
C TRP A 48 4.06 20.60 24.11
N SER A 49 2.95 21.31 24.01
CA SER A 49 2.37 21.85 25.21
C SER A 49 0.98 21.28 25.48
N GLY A 50 0.69 20.94 26.74
CA GLY A 50 -0.64 20.51 27.07
C GLY A 50 -0.87 20.46 28.57
N VAL A 51 -2.06 20.04 28.97
CA VAL A 51 -2.37 19.94 30.38
C VAL A 51 -2.36 18.50 30.83
N LEU A 52 -1.79 18.34 32.02
CA LEU A 52 -1.62 17.10 32.74
C LEU A 52 -1.99 17.42 34.18
N ALA A 53 -3.20 16.98 34.57
CA ALA A 53 -3.62 16.95 35.95
C ALA A 53 -3.58 18.35 36.53
N ASP A 54 -4.34 19.28 35.96
CA ASP A 54 -4.44 20.62 36.53
C ASP A 54 -3.08 21.37 36.57
N GLN A 55 -2.11 20.98 35.72
CA GLN A 55 -0.93 21.80 35.46
C GLN A 55 -0.62 21.81 33.98
N VAL A 56 0.09 22.84 33.53
CA VAL A 56 0.51 22.85 32.12
C VAL A 56 1.98 22.42 32.02
N TRP A 57 2.29 21.70 30.94
CA TRP A 57 3.66 21.29 30.66
C TRP A 57 4.06 21.63 29.23
N THR A 58 5.36 21.80 29.01
CA THR A 58 5.95 21.76 27.68
C THR A 58 7.01 20.66 27.71
N LEU A 59 6.98 19.86 26.64
CA LEU A 59 7.82 18.69 26.51
C LEU A 59 8.56 18.78 25.18
N THR A 60 9.88 18.50 25.24
CA THR A 60 10.69 18.30 24.04
C THR A 60 11.76 17.23 24.30
N GLN A 61 12.39 16.72 23.26
CA GLN A 61 13.33 15.62 23.47
C GLN A 61 14.46 15.63 22.44
N THR A 62 15.58 15.07 22.91
CA THR A 62 16.76 14.76 22.09
C THR A 62 16.68 13.27 21.71
N GLU A 63 17.83 12.65 21.44
CA GLU A 63 17.91 11.24 21.11
C GLU A 63 17.96 10.37 22.37
N ASP A 64 18.38 10.95 23.50
CA ASP A 64 18.48 10.15 24.70
C ASP A 64 17.85 10.89 25.89
N GLN A 65 17.27 12.06 25.63
CA GLN A 65 16.78 12.87 26.73
C GLN A 65 15.36 13.40 26.41
N LEU A 66 14.48 13.26 27.43
CA LEU A 66 13.16 13.88 27.47
C LEU A 66 13.23 15.08 28.40
N TYR A 67 13.01 16.26 27.82
CA TYR A 67 13.16 17.54 28.48
C TYR A 67 11.75 18.05 28.72
N CYS A 68 11.54 18.59 29.92
CA CYS A 68 10.21 19.01 30.27
C CYS A 68 10.24 20.22 31.20
N THR A 69 9.17 21.04 31.14
CA THR A 69 9.00 22.19 32.03
C THR A 69 7.54 22.33 32.44
N VAL A 70 7.33 22.92 33.63
CA VAL A 70 6.00 23.07 34.21
C VAL A 70 5.68 24.55 34.45
N TYR A 71 4.44 24.95 34.14
CA TYR A 71 3.89 26.24 34.52
C TYR A 71 2.82 26.02 35.59
N ARG A 72 3.10 26.46 36.82
CA ARG A 72 2.20 26.24 37.95
C ARG A 72 0.95 27.12 37.81
N GLY A 73 1.14 28.37 37.41
CA GLY A 73 0.04 29.28 37.13
C GLY A 73 -0.34 30.17 38.31
N ASP A 74 -0.62 29.53 39.46
CA ASP A 74 -1.30 30.15 40.60
C ASP A 74 -0.39 31.22 41.25
N ASP A 75 -0.08 32.26 40.48
CA ASP A 75 0.85 33.33 40.85
C ASP A 75 2.01 32.71 41.65
N SER A 76 2.57 31.64 41.09
CA SER A 76 3.68 30.93 41.69
C SER A 76 4.96 31.57 41.19
N GLN A 77 6.04 31.31 41.92
CA GLN A 77 7.38 31.63 41.48
C GLN A 77 7.88 30.47 40.60
N VAL A 78 8.16 30.77 39.32
CA VAL A 78 8.63 29.78 38.35
C VAL A 78 9.74 28.93 38.97
N SER A 79 9.65 27.60 38.82
CA SER A 79 10.79 26.73 39.12
C SER A 79 10.83 25.57 38.14
N ARG A 80 11.98 24.87 38.12
CA ARG A 80 12.10 23.61 37.41
C ARG A 80 11.08 22.65 38.01
N PRO A 81 10.69 21.59 37.30
CA PRO A 81 9.81 20.58 37.89
C PRO A 81 10.45 19.91 39.09
N THR A 82 9.63 19.57 40.09
CA THR A 82 10.06 18.83 41.26
C THR A 82 10.18 17.34 40.95
N LEU A 83 10.72 16.59 41.92
CA LEU A 83 10.83 15.14 41.89
C LEU A 83 9.46 14.49 41.65
N GLU A 84 8.44 14.92 42.41
CA GLU A 84 7.13 14.29 42.41
C GLU A 84 6.42 14.54 41.09
N GLU A 85 6.62 15.73 40.54
CA GLU A 85 6.10 16.11 39.23
C GLU A 85 6.81 15.29 38.15
N LEU A 86 8.10 15.03 38.32
CA LEU A 86 8.80 14.24 37.32
C LEU A 86 8.30 12.79 37.35
N GLU A 87 7.95 12.27 38.53
CA GLU A 87 7.45 10.91 38.63
C GLU A 87 6.06 10.85 37.98
N THR A 88 5.28 11.91 38.16
CA THR A 88 3.98 11.99 37.53
C THR A 88 4.09 11.84 36.01
N LEU A 89 5.04 12.56 35.41
CA LEU A 89 5.30 12.47 33.99
C LEU A 89 5.86 11.09 33.61
N HIS A 90 6.73 10.53 34.44
CA HIS A 90 7.27 9.18 34.25
C HIS A 90 6.13 8.18 34.12
N LYS A 91 5.18 8.28 35.05
CA LYS A 91 4.09 7.33 35.11
C LYS A 91 3.12 7.59 33.97
N TYR A 92 3.00 8.84 33.52
CA TYR A 92 2.06 9.19 32.47
C TYR A 92 2.50 8.52 31.18
N PHE A 93 3.82 8.41 30.98
CA PHE A 93 4.36 7.72 29.82
C PHE A 93 4.69 6.24 30.08
N GLN A 94 4.37 5.71 31.29
CA GLN A 94 4.57 4.32 31.71
C GLN A 94 5.97 3.83 31.34
N LEU A 95 6.97 4.63 31.71
CA LEU A 95 8.32 4.47 31.22
C LEU A 95 9.01 3.26 31.86
N ASP A 96 8.46 2.75 32.96
CA ASP A 96 8.90 1.49 33.54
C ASP A 96 8.81 0.34 32.51
N VAL A 97 7.88 0.44 31.54
CA VAL A 97 7.67 -0.60 30.54
C VAL A 97 8.63 -0.38 29.38
N SER A 98 9.38 -1.44 29.05
CA SER A 98 10.32 -1.41 27.94
C SER A 98 9.56 -1.65 26.63
N LEU A 99 9.68 -0.69 25.72
CA LEU A 99 8.99 -0.79 24.46
C LEU A 99 9.87 -1.55 23.47
N ALA A 100 11.18 -1.51 23.70
CA ALA A 100 12.11 -2.26 22.86
C ALA A 100 11.82 -3.75 22.96
N GLN A 101 11.71 -4.27 24.19
CA GLN A 101 11.37 -5.68 24.41
C GLN A 101 9.97 -6.03 23.89
N LEU A 102 8.98 -5.14 24.03
CA LEU A 102 7.67 -5.43 23.45
C LEU A 102 7.76 -5.52 21.95
N TYR A 103 8.46 -4.58 21.32
CA TYR A 103 8.57 -4.59 19.86
C TYR A 103 9.21 -5.89 19.37
N SER A 104 10.30 -6.37 20.02
CA SER A 104 10.92 -7.66 19.67
C SER A 104 9.93 -8.79 19.84
N HIS A 105 9.29 -8.84 21.02
CA HIS A 105 8.34 -9.90 21.32
C HIS A 105 7.23 -9.95 20.28
N TRP A 106 6.66 -8.79 19.93
CA TRP A 106 5.67 -8.74 18.85
C TRP A 106 6.29 -9.06 17.48
N ALA A 107 7.46 -8.47 17.18
CA ALA A 107 8.14 -8.80 15.92
C ALA A 107 8.37 -10.30 15.74
N SER A 108 8.73 -11.03 16.81
CA SER A 108 9.03 -12.45 16.71
C SER A 108 7.88 -13.26 16.08
N VAL A 109 6.63 -12.75 16.06
CA VAL A 109 5.50 -13.54 15.54
C VAL A 109 4.82 -12.81 14.39
N ASP A 110 5.31 -11.64 14.00
CA ASP A 110 4.55 -10.82 13.07
C ASP A 110 5.51 -9.99 12.21
N SER A 111 5.70 -10.48 10.98
CA SER A 111 6.66 -9.94 10.04
C SER A 111 6.15 -8.60 9.54
N HIS A 112 4.84 -8.48 9.38
CA HIS A 112 4.23 -7.20 9.05
C HIS A 112 4.56 -6.17 10.13
N PHE A 113 4.40 -6.53 11.40
CA PHE A 113 4.68 -5.61 12.49
C PHE A 113 6.16 -5.21 12.45
N GLN A 114 7.02 -6.16 12.07
CA GLN A 114 8.46 -5.91 11.99
C GLN A 114 8.69 -4.80 10.96
N ARG A 115 8.11 -4.94 9.77
CA ARG A 115 8.35 -3.98 8.69
C ARG A 115 7.95 -2.57 9.12
N VAL A 116 6.69 -2.44 9.58
CA VAL A 116 6.10 -1.16 9.96
C VAL A 116 6.87 -0.49 11.09
N ALA A 117 7.20 -1.26 12.12
CA ALA A 117 7.92 -0.78 13.31
C ALA A 117 9.31 -0.25 13.01
N GLN A 118 9.88 -0.56 11.84
CA GLN A 118 11.13 0.07 11.45
C GLN A 118 10.96 1.59 11.46
N LYS A 119 9.87 2.06 10.85
CA LYS A 119 9.68 3.49 10.63
C LYS A 119 9.09 4.14 11.88
N PHE A 120 8.30 3.36 12.64
CA PHE A 120 7.47 3.90 13.71
C PHE A 120 7.88 3.34 15.07
N GLN A 121 9.03 3.82 15.57
CA GLN A 121 9.50 3.49 16.90
C GLN A 121 8.98 4.49 17.93
N GLY A 122 8.88 4.07 19.20
CA GLY A 122 8.58 4.98 20.29
C GLY A 122 7.07 5.27 20.43
N VAL A 123 6.22 4.56 19.70
CA VAL A 123 4.80 4.53 19.98
C VAL A 123 4.54 3.66 21.22
N ARG A 124 4.24 4.34 22.32
CA ARG A 124 3.82 3.71 23.55
C ARG A 124 2.47 4.30 23.99
N LEU A 125 1.87 3.72 25.04
CA LEU A 125 0.56 4.12 25.52
C LEU A 125 0.74 5.07 26.69
N LEU A 126 0.05 6.20 26.62
CA LEU A 126 -0.12 7.09 27.76
C LEU A 126 -1.04 6.40 28.76
N ARG A 127 -0.84 6.70 30.03
CA ARG A 127 -1.74 6.31 31.08
C ARG A 127 -2.53 7.54 31.48
N GLN A 128 -3.76 7.61 31.00
CA GLN A 128 -4.61 8.79 31.11
C GLN A 128 -5.57 8.68 32.30
N ASP A 129 -6.05 9.83 32.75
CA ASP A 129 -7.11 9.99 33.70
C ASP A 129 -8.41 9.41 33.10
N PRO A 130 -9.12 8.55 33.84
CA PRO A 130 -10.34 7.93 33.34
C PRO A 130 -11.46 8.87 32.88
N THR A 131 -11.70 9.94 33.64
CA THR A 131 -12.76 10.87 33.29
C THR A 131 -12.46 11.50 31.95
N GLU A 132 -11.29 12.13 31.89
CA GLU A 132 -10.88 12.82 30.68
C GLU A 132 -10.94 11.89 29.46
N CYS A 133 -10.45 10.67 29.63
CA CYS A 133 -10.32 9.76 28.51
C CYS A 133 -11.72 9.35 28.10
N LEU A 134 -12.58 9.10 29.08
CA LEU A 134 -13.95 8.67 28.80
C LEU A 134 -14.67 9.70 27.95
N PHE A 135 -14.66 10.96 28.41
CA PHE A 135 -15.43 11.99 27.72
C PHE A 135 -14.73 12.34 26.41
N SER A 136 -13.39 12.23 26.37
CA SER A 136 -12.77 12.47 25.08
C SER A 136 -13.27 11.44 24.07
N PHE A 137 -13.38 10.15 24.48
CA PHE A 137 -13.68 9.11 23.50
C PHE A 137 -15.17 9.10 23.14
N ILE A 138 -16.05 9.53 24.04
CA ILE A 138 -17.43 9.79 23.66
C ILE A 138 -17.48 10.84 22.54
N CYS A 139 -16.58 11.80 22.54
CA CYS A 139 -16.56 12.80 21.48
C CYS A 139 -15.99 12.22 20.18
N SER A 140 -15.46 10.98 20.19
CA SER A 140 -14.64 10.44 19.12
C SER A 140 -15.48 9.79 18.02
N SER A 141 -16.76 9.57 18.28
CA SER A 141 -17.61 8.87 17.33
C SER A 141 -17.76 9.74 16.09
N ASN A 142 -17.61 9.07 14.93
CA ASN A 142 -17.79 9.65 13.61
C ASN A 142 -17.03 10.98 13.55
N ASN A 143 -15.72 10.92 13.79
CA ASN A 143 -14.96 12.14 14.00
C ASN A 143 -13.52 11.88 13.64
N ASN A 144 -12.74 12.96 13.52
CA ASN A 144 -11.32 12.91 13.28
C ASN A 144 -10.60 13.58 14.42
N ILE A 145 -9.28 13.35 14.49
CA ILE A 145 -8.46 13.89 15.55
C ILE A 145 -8.73 15.39 15.70
N ALA A 146 -8.72 16.14 14.58
CA ALA A 146 -8.70 17.61 14.68
C ALA A 146 -10.01 18.14 15.26
N ARG A 147 -11.14 17.65 14.78
CA ARG A 147 -12.42 18.07 15.31
C ARG A 147 -12.61 17.61 16.75
N ILE A 148 -12.06 16.44 17.13
CA ILE A 148 -12.17 15.95 18.51
C ILE A 148 -11.43 16.93 19.38
N THR A 149 -10.20 17.20 18.93
CA THR A 149 -9.35 18.16 19.61
C THR A 149 -10.15 19.46 19.91
N GLY A 150 -10.85 19.98 18.92
CA GLY A 150 -11.54 21.26 19.10
C GLY A 150 -12.66 21.14 20.15
N MET A 151 -13.36 20.01 20.10
CA MET A 151 -14.50 19.81 20.97
C MET A 151 -14.03 19.69 22.41
N VAL A 152 -12.91 19.01 22.63
CA VAL A 152 -12.44 18.75 23.98
C VAL A 152 -11.94 20.05 24.57
N GLU A 153 -11.25 20.83 23.73
CA GLU A 153 -10.75 22.15 24.12
C GLU A 153 -11.91 23.08 24.52
N ARG A 154 -12.95 23.24 23.69
CA ARG A 154 -14.08 24.11 24.04
C ARG A 154 -14.78 23.61 25.30
N LEU A 155 -14.97 22.29 25.39
CA LEU A 155 -15.63 21.67 26.55
C LEU A 155 -14.88 22.05 27.82
N CYS A 156 -13.56 22.06 27.78
CA CYS A 156 -12.74 22.40 28.93
C CYS A 156 -12.78 23.91 29.22
N GLN A 157 -12.79 24.76 28.18
CA GLN A 157 -12.86 26.20 28.44
C GLN A 157 -14.23 26.52 29.06
N ALA A 158 -15.31 25.94 28.53
CA ALA A 158 -16.65 26.25 28.98
C ALA A 158 -16.98 25.63 30.33
N PHE A 159 -16.38 24.47 30.70
CA PHE A 159 -16.81 23.77 31.90
C PHE A 159 -15.71 23.59 32.92
N GLY A 160 -14.46 23.61 32.48
CA GLY A 160 -13.41 23.33 33.43
C GLY A 160 -12.69 24.58 33.93
N PRO A 161 -11.96 24.50 35.07
CA PRO A 161 -11.32 25.69 35.67
C PRO A 161 -10.17 26.21 34.80
N ARG A 162 -9.95 27.54 34.84
CA ARG A 162 -8.84 28.16 34.14
C ARG A 162 -7.53 27.84 34.85
N LEU A 163 -6.51 27.43 34.08
CA LEU A 163 -5.22 27.23 34.72
C LEU A 163 -4.25 28.40 34.46
N ILE A 164 -4.04 28.76 33.19
CA ILE A 164 -3.05 29.77 32.82
C ILE A 164 -3.19 30.10 31.34
N GLN A 165 -2.59 31.21 30.94
CA GLN A 165 -2.53 31.58 29.53
C GLN A 165 -1.09 31.74 29.10
N LEU A 166 -0.83 31.34 27.86
CA LEU A 166 0.52 31.31 27.31
C LEU A 166 0.37 31.75 25.86
N ASP A 167 1.02 32.86 25.46
CA ASP A 167 0.73 33.43 24.15
C ASP A 167 -0.79 33.66 24.09
N ASP A 168 -1.47 33.33 23.00
CA ASP A 168 -2.93 33.46 22.97
C ASP A 168 -3.68 32.13 23.21
N VAL A 169 -3.12 31.23 24.03
CA VAL A 169 -3.76 29.95 24.30
C VAL A 169 -4.13 29.90 25.77
N THR A 170 -5.42 29.72 26.05
CA THR A 170 -5.83 29.63 27.43
C THR A 170 -6.08 28.14 27.72
N TYR A 171 -5.50 27.69 28.87
CA TYR A 171 -5.52 26.28 29.26
C TYR A 171 -6.45 26.16 30.45
N HIS A 172 -7.37 25.18 30.32
CA HIS A 172 -8.30 24.76 31.34
C HIS A 172 -8.07 23.29 31.74
N GLY A 173 -8.29 23.00 33.02
CA GLY A 173 -8.35 21.62 33.48
C GLY A 173 -9.60 20.90 33.00
N PHE A 174 -9.52 19.57 32.98
CA PHE A 174 -10.68 18.78 32.62
C PHE A 174 -11.74 18.96 33.69
N PRO A 175 -13.02 19.13 33.28
CA PRO A 175 -14.10 19.30 34.24
C PRO A 175 -14.37 18.06 35.05
N ASN A 176 -14.96 18.26 36.25
CA ASN A 176 -15.49 17.19 37.08
C ASN A 176 -16.87 16.80 36.55
N LEU A 177 -17.35 15.64 37.00
CA LEU A 177 -18.57 15.05 36.46
C LEU A 177 -19.78 15.92 36.77
N HIS A 178 -19.84 16.43 38.01
CA HIS A 178 -20.94 17.30 38.40
C HIS A 178 -21.11 18.47 37.40
N ALA A 179 -20.00 19.08 36.93
CA ALA A 179 -20.09 20.21 36.01
C ALA A 179 -20.68 19.81 34.66
N LEU A 180 -20.45 18.58 34.22
CA LEU A 180 -20.92 18.17 32.92
C LEU A 180 -22.33 17.61 32.99
N ALA A 181 -22.88 17.54 34.20
CA ALA A 181 -24.09 16.78 34.47
C ALA A 181 -25.30 17.67 34.74
N GLY A 182 -25.11 18.98 34.88
CA GLY A 182 -26.18 19.90 35.25
C GLY A 182 -27.17 20.16 34.12
N PRO A 183 -28.26 20.88 34.41
CA PRO A 183 -29.41 20.93 33.50
C PRO A 183 -29.23 21.64 32.18
N GLU A 184 -28.18 22.46 32.04
CA GLU A 184 -27.97 23.18 30.80
C GLU A 184 -26.81 22.60 29.98
N ALA A 185 -26.15 21.55 30.49
CA ALA A 185 -24.89 21.12 29.93
C ALA A 185 -25.04 20.60 28.50
N GLU A 186 -26.09 19.85 28.22
CA GLU A 186 -26.29 19.36 26.87
C GLU A 186 -26.50 20.53 25.90
N THR A 187 -27.24 21.56 26.34
CA THR A 187 -27.58 22.68 25.48
C THR A 187 -26.31 23.46 25.13
N HIS A 188 -25.52 23.70 26.17
CA HIS A 188 -24.26 24.39 26.03
C HIS A 188 -23.41 23.62 25.02
N LEU A 189 -23.22 22.32 25.28
CA LEU A 189 -22.30 21.50 24.51
C LEU A 189 -22.70 21.46 23.04
N ARG A 190 -24.01 21.46 22.73
CA ARG A 190 -24.45 21.54 21.33
C ARG A 190 -24.01 22.85 20.69
N LYS A 191 -24.16 23.92 21.46
CA LYS A 191 -23.75 25.25 21.04
C LYS A 191 -22.21 25.32 20.95
N LEU A 192 -21.49 24.31 21.47
CA LEU A 192 -20.04 24.26 21.30
C LEU A 192 -19.61 23.32 20.17
N GLY A 193 -20.57 22.82 19.39
CA GLY A 193 -20.26 22.04 18.20
C GLY A 193 -20.32 20.52 18.40
N LEU A 194 -20.69 20.00 19.60
CA LEU A 194 -20.58 18.57 19.84
C LEU A 194 -21.66 17.78 19.14
N GLY A 195 -22.70 18.42 18.58
CA GLY A 195 -23.76 17.67 17.93
C GLY A 195 -24.38 16.66 18.90
N TYR A 196 -24.71 15.46 18.40
CA TYR A 196 -25.40 14.44 19.19
C TYR A 196 -24.53 13.99 20.37
N ARG A 197 -23.21 14.19 20.29
CA ARG A 197 -22.34 13.68 21.32
C ARG A 197 -22.68 14.39 22.61
N ALA A 198 -23.26 15.59 22.50
CA ALA A 198 -23.51 16.41 23.67
C ALA A 198 -24.45 15.71 24.61
N ARG A 199 -25.43 14.95 24.06
CA ARG A 199 -26.39 14.25 24.90
C ARG A 199 -25.66 13.16 25.70
N TYR A 200 -24.80 12.41 25.01
CA TYR A 200 -24.09 11.31 25.62
C TYR A 200 -23.17 11.78 26.77
N VAL A 201 -22.57 12.96 26.60
CA VAL A 201 -21.66 13.51 27.58
C VAL A 201 -22.46 13.81 28.83
N ARG A 202 -23.56 14.56 28.68
CA ARG A 202 -24.30 14.96 29.84
C ARG A 202 -24.87 13.71 30.51
N ALA A 203 -25.51 12.82 29.73
CA ALA A 203 -26.14 11.59 30.24
C ALA A 203 -25.11 10.65 30.89
N SER A 204 -23.89 10.56 30.36
CA SER A 204 -22.87 9.73 31.00
C SER A 204 -22.34 10.34 32.30
N ALA A 205 -22.19 11.66 32.32
CA ALA A 205 -21.82 12.31 33.56
C ALA A 205 -22.89 12.03 34.62
N LYS A 206 -24.15 12.19 34.25
CA LYS A 206 -25.26 12.00 35.17
C LYS A 206 -25.35 10.54 35.65
N ALA A 207 -25.14 9.59 34.72
CA ALA A 207 -25.21 8.16 35.02
C ALA A 207 -24.09 7.71 35.97
N ILE A 208 -22.85 8.14 35.77
CA ILE A 208 -21.77 7.75 36.67
C ILE A 208 -22.02 8.29 38.06
N LEU A 209 -22.48 9.54 38.14
CA LEU A 209 -22.72 10.16 39.43
C LEU A 209 -23.80 9.38 40.18
N GLU A 210 -24.97 9.23 39.56
CA GLU A 210 -26.16 8.77 40.27
C GLU A 210 -26.21 7.24 40.26
N GLU A 211 -25.87 6.61 39.14
CA GLU A 211 -25.99 5.17 39.05
C GLU A 211 -24.74 4.49 39.61
N GLN A 212 -23.58 5.16 39.64
CA GLN A 212 -22.34 4.46 39.90
C GLN A 212 -21.54 5.05 41.06
N GLY A 213 -21.96 6.19 41.59
CA GLY A 213 -21.27 6.66 42.79
C GLY A 213 -20.07 7.56 42.51
N GLY A 214 -19.99 8.14 41.31
CA GLY A 214 -19.02 9.16 41.05
C GLY A 214 -17.71 8.56 40.58
N PRO A 215 -16.61 9.35 40.56
CA PRO A 215 -15.39 8.94 39.88
C PRO A 215 -14.69 7.75 40.51
N ALA A 216 -15.08 7.39 41.73
CA ALA A 216 -14.42 6.26 42.40
C ALA A 216 -14.76 4.94 41.69
N TRP A 217 -15.89 4.93 40.98
CA TRP A 217 -16.26 3.81 40.12
C TRP A 217 -15.24 3.57 39.01
N LEU A 218 -14.83 4.65 38.30
CA LEU A 218 -13.81 4.52 37.27
C LEU A 218 -12.51 3.92 37.84
N GLN A 219 -12.14 4.31 39.07
CA GLN A 219 -10.97 3.76 39.75
C GLN A 219 -11.17 2.27 40.11
N GLN A 220 -12.40 1.86 40.45
CA GLN A 220 -12.63 0.44 40.69
C GLN A 220 -12.45 -0.30 39.36
N LEU A 221 -12.94 0.25 38.24
CA LEU A 221 -12.78 -0.41 36.96
C LEU A 221 -11.29 -0.54 36.65
N ARG A 222 -10.49 0.36 37.20
CA ARG A 222 -9.07 0.32 36.90
C ARG A 222 -8.41 -0.90 37.53
N VAL A 223 -9.04 -1.47 38.57
CA VAL A 223 -8.45 -2.63 39.23
C VAL A 223 -9.32 -3.87 39.00
N ALA A 224 -10.52 -3.69 38.46
CA ALA A 224 -11.29 -4.83 38.00
C ALA A 224 -10.66 -5.48 36.78
N PRO A 225 -10.97 -6.76 36.46
CA PRO A 225 -10.50 -7.37 35.23
C PRO A 225 -11.09 -6.70 33.98
N TYR A 226 -10.29 -6.74 32.92
CA TYR A 226 -10.56 -6.15 31.63
C TYR A 226 -12.02 -6.35 31.27
N GLU A 227 -12.48 -7.59 31.29
CA GLU A 227 -13.77 -7.91 30.71
C GLU A 227 -14.90 -7.26 31.54
N GLU A 228 -14.69 -7.18 32.84
CA GLU A 228 -15.66 -6.55 33.73
C GLU A 228 -15.74 -5.04 33.42
N ALA A 229 -14.57 -4.41 33.38
CA ALA A 229 -14.43 -3.00 33.04
C ALA A 229 -15.13 -2.69 31.72
N HIS A 230 -14.86 -3.54 30.72
CA HIS A 230 -15.36 -3.34 29.36
C HIS A 230 -16.87 -3.28 29.38
N LYS A 231 -17.45 -4.31 30.01
CA LYS A 231 -18.89 -4.52 30.03
C LYS A 231 -19.56 -3.37 30.80
N ALA A 232 -18.92 -2.90 31.87
CA ALA A 232 -19.50 -1.84 32.69
C ALA A 232 -19.49 -0.51 31.96
N LEU A 233 -18.38 -0.26 31.26
CA LEU A 233 -18.28 0.92 30.41
C LEU A 233 -19.39 0.92 29.37
N CYS A 234 -19.69 -0.25 28.79
CA CYS A 234 -20.68 -0.33 27.71
C CYS A 234 -22.12 -0.09 28.17
N THR A 235 -22.35 0.09 29.48
CA THR A 235 -23.68 0.50 29.93
C THR A 235 -23.87 2.01 29.84
N LEU A 236 -22.81 2.77 29.58
CA LEU A 236 -22.93 4.22 29.53
C LEU A 236 -23.43 4.70 28.18
N PRO A 237 -24.21 5.79 28.19
CA PRO A 237 -24.64 6.41 26.94
C PRO A 237 -23.50 6.85 26.03
N GLY A 238 -23.52 6.37 24.79
CA GLY A 238 -22.52 6.74 23.80
C GLY A 238 -21.25 5.89 23.91
N VAL A 239 -21.22 4.96 24.88
CA VAL A 239 -20.06 4.11 24.99
C VAL A 239 -20.39 2.71 24.49
N GLY A 240 -19.79 2.34 23.37
CA GLY A 240 -19.82 0.95 22.88
C GLY A 240 -18.46 0.26 22.94
N ALA A 241 -18.35 -0.86 22.23
CA ALA A 241 -17.21 -1.75 22.33
C ALA A 241 -15.93 -1.01 22.02
N LYS A 242 -15.92 -0.24 20.91
CA LYS A 242 -14.72 0.44 20.45
C LYS A 242 -14.23 1.45 21.50
N VAL A 243 -15.16 2.30 21.95
CA VAL A 243 -14.82 3.37 22.88
C VAL A 243 -14.42 2.74 24.21
N ALA A 244 -15.16 1.72 24.62
CA ALA A 244 -14.81 1.05 25.87
C ALA A 244 -13.42 0.46 25.78
N ASP A 245 -13.10 -0.10 24.61
CA ASP A 245 -11.76 -0.67 24.45
C ASP A 245 -10.73 0.43 24.56
N CYS A 246 -11.03 1.61 24.00
CA CYS A 246 -10.01 2.62 24.01
C CYS A 246 -9.74 3.02 25.46
N ILE A 247 -10.81 3.24 26.21
CA ILE A 247 -10.66 3.69 27.59
C ILE A 247 -9.92 2.64 28.43
N CYS A 248 -10.30 1.36 28.22
CA CYS A 248 -9.67 0.23 28.87
C CYS A 248 -8.20 0.25 28.63
N LEU A 249 -7.81 0.47 27.36
CA LEU A 249 -6.40 0.43 26.97
C LEU A 249 -5.65 1.65 27.49
N MET A 250 -6.34 2.79 27.52
CA MET A 250 -5.63 4.06 27.64
C MET A 250 -5.69 4.60 29.07
N ALA A 251 -6.70 4.20 29.87
CA ALA A 251 -6.88 4.78 31.19
C ALA A 251 -7.10 3.74 32.30
N LEU A 252 -7.53 2.50 31.98
CA LEU A 252 -7.80 1.52 33.02
C LEU A 252 -6.77 0.40 33.04
N ASP A 253 -5.56 0.61 32.54
CA ASP A 253 -4.49 -0.37 32.71
C ASP A 253 -4.89 -1.76 32.18
N LYS A 254 -5.58 -1.77 31.03
CA LYS A 254 -5.87 -3.01 30.32
C LYS A 254 -5.09 -3.09 29.02
N PRO A 255 -3.82 -3.56 29.05
CA PRO A 255 -2.95 -3.49 27.87
C PRO A 255 -3.32 -4.51 26.81
N GLN A 256 -4.21 -5.46 27.17
CA GLN A 256 -4.71 -6.42 26.20
C GLN A 256 -5.95 -5.92 25.44
N ALA A 257 -6.47 -4.74 25.82
CA ALA A 257 -7.64 -4.20 25.13
C ALA A 257 -7.30 -3.87 23.70
N VAL A 258 -8.04 -4.41 22.70
CA VAL A 258 -7.76 -4.09 21.31
C VAL A 258 -8.95 -3.37 20.70
N PRO A 259 -8.97 -2.02 20.55
CA PRO A 259 -10.13 -1.35 19.96
C PRO A 259 -10.25 -1.73 18.50
N VAL A 260 -11.44 -2.17 18.08
CA VAL A 260 -11.65 -2.52 16.71
C VAL A 260 -12.57 -1.49 16.06
N ASP A 261 -11.98 -0.54 15.33
CA ASP A 261 -12.67 0.50 14.58
C ASP A 261 -12.41 0.24 13.10
N VAL A 262 -12.77 1.22 12.26
CA VAL A 262 -12.72 1.05 10.81
C VAL A 262 -11.26 0.82 10.42
N HIS A 263 -10.34 1.53 11.08
CA HIS A 263 -8.93 1.39 10.83
C HIS A 263 -8.39 -0.02 11.06
N VAL A 264 -8.60 -0.64 12.26
CA VAL A 264 -7.99 -1.94 12.48
C VAL A 264 -8.78 -3.00 11.72
N TRP A 265 -10.07 -2.80 11.46
CA TRP A 265 -10.79 -3.77 10.64
C TRP A 265 -10.13 -3.86 9.26
N GLN A 266 -9.71 -2.69 8.77
CA GLN A 266 -9.12 -2.54 7.46
C GLN A 266 -7.71 -3.07 7.52
N ILE A 267 -6.94 -2.68 8.55
CA ILE A 267 -5.61 -3.22 8.69
C ILE A 267 -5.61 -4.74 8.65
N ALA A 268 -6.55 -5.37 9.37
CA ALA A 268 -6.57 -6.81 9.55
C ALA A 268 -6.81 -7.49 8.18
N HIS A 269 -7.72 -6.93 7.40
CA HIS A 269 -8.07 -7.52 6.12
C HIS A 269 -6.91 -7.32 5.14
N ARG A 270 -6.48 -6.08 5.02
CA ARG A 270 -5.54 -5.71 4.00
C ARG A 270 -4.20 -6.37 4.32
N ASP A 271 -3.73 -6.13 5.54
CA ASP A 271 -2.35 -6.38 5.88
C ASP A 271 -2.16 -7.82 6.37
N TYR A 272 -3.18 -8.43 7.01
CA TYR A 272 -3.01 -9.76 7.58
C TYR A 272 -3.84 -10.81 6.83
N GLY A 273 -4.68 -10.36 5.92
CA GLY A 273 -5.55 -11.25 5.18
C GLY A 273 -6.63 -11.91 6.03
N TRP A 274 -6.96 -11.31 7.18
CA TRP A 274 -7.93 -11.87 8.11
C TRP A 274 -9.33 -11.60 7.57
N HIS A 275 -10.18 -12.61 7.67
CA HIS A 275 -11.60 -12.52 7.41
C HIS A 275 -12.25 -13.15 8.64
N PRO A 276 -13.48 -12.74 9.05
CA PRO A 276 -14.18 -13.41 10.17
C PRO A 276 -14.47 -14.85 9.78
N LYS A 277 -14.00 -15.80 10.59
CA LYS A 277 -13.90 -17.20 10.18
C LYS A 277 -15.20 -17.92 10.54
N THR A 278 -15.47 -18.03 11.85
CA THR A 278 -16.70 -18.66 12.34
C THR A 278 -17.89 -17.91 11.73
N SER A 279 -17.77 -16.57 11.65
CA SER A 279 -18.87 -15.73 11.19
C SER A 279 -19.10 -15.96 9.70
N GLN A 280 -20.38 -15.93 9.28
CA GLN A 280 -20.75 -16.11 7.88
C GLN A 280 -20.90 -14.74 7.21
N ALA A 281 -21.50 -13.79 7.94
CA ALA A 281 -21.46 -12.38 7.57
C ALA A 281 -20.02 -12.01 7.25
N LYS A 282 -19.83 -11.16 6.24
CA LYS A 282 -18.53 -10.96 5.63
C LYS A 282 -17.88 -9.69 6.19
N GLY A 283 -18.71 -8.67 6.51
CA GLY A 283 -18.23 -7.34 6.90
C GLY A 283 -18.29 -7.13 8.42
N PRO A 284 -18.17 -5.87 8.90
CA PRO A 284 -18.22 -5.61 10.34
C PRO A 284 -19.50 -6.12 10.99
N SER A 285 -19.38 -6.55 12.25
CA SER A 285 -20.51 -6.83 13.12
C SER A 285 -19.98 -6.83 14.54
N PRO A 286 -20.84 -6.73 15.58
CA PRO A 286 -20.36 -6.78 16.96
C PRO A 286 -19.63 -8.10 17.25
N LEU A 287 -20.14 -9.20 16.70
CA LEU A 287 -19.54 -10.52 16.87
C LEU A 287 -18.19 -10.63 16.15
N ALA A 288 -18.12 -10.16 14.89
CA ALA A 288 -16.88 -10.26 14.14
C ALA A 288 -15.86 -9.29 14.73
N ASN A 289 -16.30 -8.13 15.22
CA ASN A 289 -15.40 -7.17 15.85
C ASN A 289 -14.77 -7.78 17.11
N LYS A 290 -15.55 -8.51 17.90
CA LYS A 290 -15.02 -9.16 19.09
C LYS A 290 -14.06 -10.27 18.68
N GLU A 291 -14.42 -11.07 17.65
CA GLU A 291 -13.56 -12.12 17.13
C GLU A 291 -12.23 -11.51 16.68
N LEU A 292 -12.24 -10.36 16.01
CA LEU A 292 -10.98 -9.81 15.52
C LEU A 292 -10.12 -9.37 16.69
N GLY A 293 -10.73 -8.88 17.78
CA GLY A 293 -9.97 -8.54 18.97
C GLY A 293 -9.23 -9.75 19.58
N ASN A 294 -9.94 -10.86 19.64
CA ASN A 294 -9.40 -12.14 20.14
C ASN A 294 -8.25 -12.63 19.24
N PHE A 295 -8.35 -12.40 17.93
CA PHE A 295 -7.32 -12.79 16.99
C PHE A 295 -6.03 -12.06 17.33
N PHE A 296 -6.14 -10.75 17.57
CA PHE A 296 -4.94 -9.95 17.85
C PHE A 296 -4.38 -10.31 19.22
N ARG A 297 -5.22 -10.57 20.23
CA ARG A 297 -4.66 -10.93 21.51
C ARG A 297 -3.90 -12.26 21.38
N ASN A 298 -4.53 -13.18 20.68
CA ASN A 298 -3.93 -14.48 20.44
C ASN A 298 -2.54 -14.30 19.83
N LEU A 299 -2.40 -13.39 18.87
CA LEU A 299 -1.17 -13.28 18.09
C LEU A 299 -0.10 -12.52 18.87
N TRP A 300 -0.49 -11.44 19.53
CA TRP A 300 0.48 -10.53 20.14
C TRP A 300 0.68 -10.79 21.63
N GLY A 301 -0.36 -11.32 22.28
CA GLY A 301 -0.20 -11.58 23.71
C GLY A 301 -0.90 -10.54 24.58
N PRO A 302 -0.59 -10.47 25.89
CA PRO A 302 -1.30 -9.59 26.80
C PRO A 302 -1.04 -8.08 26.64
N TYR A 303 -0.19 -7.68 25.69
CA TYR A 303 -0.01 -6.26 25.39
C TYR A 303 -0.50 -5.97 23.96
N ALA A 304 -1.55 -6.67 23.52
CA ALA A 304 -2.00 -6.52 22.14
C ALA A 304 -2.43 -5.08 21.83
N GLY A 305 -3.02 -4.43 22.85
CA GLY A 305 -3.51 -3.08 22.75
C GLY A 305 -2.41 -2.12 22.41
N TRP A 306 -1.20 -2.38 22.95
CA TRP A 306 -0.09 -1.50 22.68
C TRP A 306 0.41 -1.73 21.28
N ALA A 307 0.35 -2.98 20.84
CA ALA A 307 0.84 -3.29 19.50
C ALA A 307 -0.11 -2.65 18.50
N GLN A 308 -1.41 -2.69 18.82
CA GLN A 308 -2.48 -2.13 18.01
C GLN A 308 -2.24 -0.64 17.77
N ALA A 309 -1.78 0.03 18.82
CA ALA A 309 -1.51 1.45 18.79
C ALA A 309 -0.40 1.75 17.80
N VAL A 310 0.60 0.88 17.71
CA VAL A 310 1.72 1.15 16.81
C VAL A 310 1.16 1.19 15.40
N LEU A 311 0.32 0.22 15.05
CA LEU A 311 -0.21 0.14 13.71
C LEU A 311 -1.20 1.27 13.49
N PHE A 312 -1.99 1.56 14.53
CA PHE A 312 -2.97 2.62 14.39
C PHE A 312 -2.26 3.90 13.99
N SER A 313 -1.20 4.20 14.72
CA SER A 313 -0.43 5.43 14.56
C SER A 313 0.18 5.47 13.16
N ALA A 314 0.61 4.33 12.65
CA ALA A 314 1.18 4.29 11.30
C ALA A 314 0.10 4.36 10.22
N ASP A 315 -1.10 3.84 10.47
CA ASP A 315 -2.12 3.89 9.43
C ASP A 315 -2.59 5.33 9.22
N LEU A 316 -2.31 6.23 10.16
CA LEU A 316 -2.75 7.60 10.06
C LEU A 316 -1.85 8.38 9.10
N ARG A 317 -0.57 7.99 9.03
CA ARG A 317 0.41 8.71 8.24
C ARG A 317 0.61 8.02 6.89
N GLN A 318 -0.41 8.10 6.02
CA GLN A 318 -0.33 7.69 4.62
C GLN A 318 0.07 6.21 4.47
N HIS B 3 48.02 -12.18 5.96
CA HIS B 3 46.71 -11.97 5.29
C HIS B 3 46.93 -11.30 3.94
N MET B 4 45.84 -11.21 3.16
CA MET B 4 45.67 -10.28 2.05
C MET B 4 44.67 -9.22 2.49
N ARG B 5 44.36 -8.28 1.58
CA ARG B 5 43.26 -7.33 1.77
C ARG B 5 42.10 -7.70 0.87
N HIS B 6 40.91 -7.20 1.23
CA HIS B 6 39.76 -7.23 0.33
C HIS B 6 39.97 -6.24 -0.81
N ARG B 7 39.93 -6.75 -2.04
CA ARG B 7 40.18 -5.97 -3.23
C ARG B 7 39.02 -5.00 -3.46
N THR B 8 39.33 -3.91 -4.18
CA THR B 8 38.36 -3.07 -4.86
C THR B 8 38.84 -2.94 -6.31
N LEU B 9 38.10 -2.19 -7.15
CA LEU B 9 38.45 -2.00 -8.56
C LEU B 9 39.43 -0.84 -8.73
N SER B 10 39.46 0.06 -7.73
CA SER B 10 40.49 1.09 -7.61
C SER B 10 41.84 0.45 -7.30
N SER B 11 41.85 -0.40 -6.26
CA SER B 11 43.05 -1.01 -5.72
C SER B 11 43.80 -1.83 -6.76
N SER B 12 43.13 -2.83 -7.33
CA SER B 12 43.85 -3.98 -7.86
C SER B 12 43.47 -4.25 -9.31
N PRO B 13 43.20 -3.21 -10.16
CA PRO B 13 42.51 -3.38 -11.44
C PRO B 13 43.11 -4.33 -12.47
N ALA B 14 44.39 -4.66 -12.33
CA ALA B 14 44.99 -5.73 -13.13
C ALA B 14 44.18 -7.01 -12.93
N LEU B 15 43.88 -7.27 -11.64
CA LEU B 15 43.38 -8.54 -11.14
C LEU B 15 41.85 -8.66 -11.24
N TRP B 16 41.17 -7.70 -11.86
CA TRP B 16 39.76 -7.85 -12.17
C TRP B 16 39.62 -8.30 -13.64
N ALA B 17 38.83 -9.36 -13.87
CA ALA B 17 38.22 -9.61 -15.17
C ALA B 17 36.85 -8.93 -15.23
N SER B 18 36.15 -9.04 -16.36
CA SER B 18 34.79 -8.48 -16.44
C SER B 18 33.94 -9.25 -17.45
N ILE B 19 32.62 -9.33 -17.16
CA ILE B 19 31.67 -9.98 -18.05
C ILE B 19 30.67 -8.95 -18.57
N PRO B 20 30.47 -8.92 -19.91
CA PRO B 20 29.42 -8.10 -20.52
C PRO B 20 28.07 -8.55 -19.99
N CYS B 21 27.36 -7.62 -19.36
CA CYS B 21 26.13 -7.96 -18.65
C CYS B 21 25.46 -6.72 -18.10
N PRO B 22 24.34 -6.26 -18.71
CA PRO B 22 23.68 -5.01 -18.31
C PRO B 22 23.20 -5.00 -16.86
N ARG B 23 23.19 -3.80 -16.27
CA ARG B 23 22.56 -3.58 -14.98
C ARG B 23 21.07 -3.94 -15.05
N SER B 24 20.52 -3.94 -16.27
CA SER B 24 19.14 -4.34 -16.50
C SER B 24 18.96 -5.82 -16.16
N GLU B 25 19.96 -6.63 -16.50
CA GLU B 25 19.79 -8.09 -16.50
C GLU B 25 20.13 -8.75 -15.16
N LEU B 26 20.69 -7.95 -14.21
CA LEU B 26 21.25 -8.42 -12.94
C LEU B 26 21.66 -7.23 -12.07
N ARG B 27 21.01 -7.03 -10.93
CA ARG B 27 21.45 -6.04 -9.97
C ARG B 27 21.95 -6.78 -8.73
N LEU B 28 23.27 -6.72 -8.50
CA LEU B 28 23.91 -7.43 -7.41
C LEU B 28 23.29 -7.00 -6.09
N ASP B 29 22.99 -5.70 -5.93
CA ASP B 29 22.48 -5.26 -4.64
C ASP B 29 21.13 -5.93 -4.36
N LEU B 30 20.41 -6.34 -5.42
CA LEU B 30 19.06 -6.86 -5.28
C LEU B 30 19.03 -8.38 -5.21
N VAL B 31 20.13 -9.05 -5.54
CA VAL B 31 20.12 -10.49 -5.75
C VAL B 31 20.96 -11.22 -4.71
N LEU B 32 21.98 -10.58 -4.13
CA LEU B 32 23.03 -11.34 -3.45
C LEU B 32 22.75 -11.40 -1.95
N ALA B 33 21.93 -10.46 -1.45
CA ALA B 33 21.51 -10.51 -0.06
C ALA B 33 20.03 -10.19 0.03
N SER B 34 19.22 -10.79 -0.85
CA SER B 34 17.79 -10.57 -0.84
C SER B 34 17.00 -11.87 -0.64
N GLY B 35 17.64 -12.91 -0.08
CA GLY B 35 16.93 -14.08 0.39
C GLY B 35 17.17 -15.33 -0.46
N GLN B 36 18.24 -15.32 -1.25
CA GLN B 36 18.56 -16.52 -2.01
C GLN B 36 19.79 -17.16 -1.42
N SER B 37 20.91 -16.44 -1.52
CA SER B 37 22.18 -16.91 -1.01
C SER B 37 22.39 -16.14 0.28
N PHE B 38 22.97 -16.78 1.28
CA PHE B 38 23.26 -16.02 2.48
C PHE B 38 24.76 -15.72 2.65
N ARG B 39 25.60 -16.13 1.68
CA ARG B 39 27.06 -16.15 1.82
C ARG B 39 27.75 -15.04 1.02
N TRP B 40 27.10 -13.87 0.83
CA TRP B 40 27.68 -12.76 0.10
C TRP B 40 27.56 -11.51 0.96
N LYS B 41 28.66 -10.76 1.13
CA LYS B 41 28.67 -9.56 1.96
C LYS B 41 29.21 -8.37 1.15
N GLU B 42 28.68 -7.18 1.41
CA GLU B 42 29.18 -5.95 0.80
C GLU B 42 30.33 -5.41 1.67
N GLN B 43 31.54 -5.98 1.54
CA GLN B 43 32.64 -5.69 2.46
C GLN B 43 33.04 -4.22 2.36
N SER B 44 33.08 -3.68 1.13
CA SER B 44 33.25 -2.26 0.91
C SER B 44 32.23 -1.80 -0.12
N PRO B 45 31.76 -0.52 -0.09
CA PRO B 45 30.73 -0.07 -1.03
C PRO B 45 30.89 -0.63 -2.45
N ALA B 46 29.81 -1.26 -2.94
CA ALA B 46 29.65 -1.78 -4.29
C ALA B 46 30.51 -3.02 -4.55
N HIS B 47 31.08 -3.62 -3.48
CA HIS B 47 32.03 -4.71 -3.61
C HIS B 47 31.64 -5.92 -2.74
N TRP B 48 30.99 -6.88 -3.40
CA TRP B 48 30.34 -8.01 -2.74
C TRP B 48 31.29 -9.20 -2.72
N SER B 49 31.59 -9.72 -1.51
CA SER B 49 32.53 -10.83 -1.44
C SER B 49 31.86 -12.06 -0.83
N GLY B 50 32.15 -13.25 -1.39
CA GLY B 50 31.58 -14.48 -0.87
C GLY B 50 32.27 -15.71 -1.43
N VAL B 51 31.79 -16.90 -1.06
CA VAL B 51 32.43 -18.15 -1.43
C VAL B 51 31.58 -18.89 -2.46
N LEU B 52 32.22 -19.64 -3.37
CA LEU B 52 31.56 -20.52 -4.32
C LEU B 52 32.41 -21.77 -4.52
N ALA B 53 31.81 -22.95 -4.34
CA ALA B 53 32.52 -24.20 -4.48
C ALA B 53 33.99 -24.07 -4.06
N ASP B 54 34.23 -23.72 -2.80
CA ASP B 54 35.56 -23.79 -2.21
C ASP B 54 36.55 -22.80 -2.80
N GLN B 55 36.09 -21.60 -3.19
CA GLN B 55 36.95 -20.47 -3.55
C GLN B 55 36.23 -19.19 -3.13
N VAL B 56 36.97 -18.10 -2.93
CA VAL B 56 36.37 -16.81 -2.63
C VAL B 56 36.41 -15.87 -3.83
N TRP B 57 35.52 -14.85 -3.81
CA TRP B 57 35.34 -13.90 -4.91
C TRP B 57 34.95 -12.55 -4.33
N THR B 58 35.32 -11.49 -5.07
CA THR B 58 34.67 -10.20 -4.89
C THR B 58 34.11 -9.79 -6.25
N LEU B 59 32.92 -9.16 -6.25
CA LEU B 59 32.19 -8.79 -7.44
C LEU B 59 31.72 -7.34 -7.32
N THR B 60 31.74 -6.62 -8.44
CA THR B 60 31.10 -5.33 -8.55
C THR B 60 30.63 -5.17 -9.98
N GLN B 61 29.95 -4.05 -10.30
CA GLN B 61 29.46 -3.85 -11.66
C GLN B 61 29.24 -2.38 -11.98
N THR B 62 29.19 -2.07 -13.29
CA THR B 62 28.88 -0.74 -13.81
C THR B 62 27.47 -0.76 -14.39
N GLU B 63 27.24 0.07 -15.43
CA GLU B 63 25.98 0.13 -16.13
C GLU B 63 25.86 -1.09 -17.05
N ASP B 64 27.00 -1.60 -17.51
CA ASP B 64 27.00 -2.53 -18.62
C ASP B 64 27.93 -3.70 -18.33
N GLN B 65 28.58 -3.67 -17.15
CA GLN B 65 29.71 -4.55 -16.89
C GLN B 65 29.62 -5.18 -15.50
N LEU B 66 29.73 -6.52 -15.48
CA LEU B 66 29.89 -7.27 -14.24
C LEU B 66 31.37 -7.51 -13.98
N TYR B 67 31.91 -6.85 -12.94
CA TYR B 67 33.32 -6.96 -12.62
C TYR B 67 33.50 -8.00 -11.51
N CYS B 68 34.57 -8.80 -11.64
CA CYS B 68 34.90 -9.78 -10.63
C CYS B 68 36.41 -9.97 -10.45
N THR B 69 36.77 -10.70 -9.39
CA THR B 69 38.13 -11.10 -9.08
C THR B 69 38.08 -12.25 -8.05
N VAL B 70 38.95 -13.25 -8.25
CA VAL B 70 38.93 -14.50 -7.50
C VAL B 70 40.19 -14.57 -6.61
N TYR B 71 40.06 -15.06 -5.35
CA TYR B 71 41.19 -15.33 -4.49
C TYR B 71 41.41 -16.84 -4.43
N ARG B 72 42.43 -17.31 -5.17
CA ARG B 72 42.52 -18.67 -5.65
C ARG B 72 42.80 -19.64 -4.51
N GLY B 73 43.76 -19.25 -3.65
CA GLY B 73 44.21 -20.06 -2.54
C GLY B 73 45.54 -19.56 -1.97
N ASP B 74 45.90 -20.06 -0.78
CA ASP B 74 47.25 -19.89 -0.25
C ASP B 74 48.22 -20.65 -1.16
N ASP B 75 47.63 -21.43 -2.08
CA ASP B 75 48.30 -21.97 -3.26
C ASP B 75 48.99 -20.80 -4.00
N SER B 76 48.32 -19.63 -4.00
CA SER B 76 48.94 -18.31 -4.03
C SER B 76 49.60 -18.02 -5.38
N GLN B 77 48.78 -17.94 -6.43
CA GLN B 77 49.24 -17.77 -7.80
C GLN B 77 48.52 -16.56 -8.40
N VAL B 78 48.62 -15.42 -7.69
CA VAL B 78 47.79 -14.22 -7.85
C VAL B 78 47.63 -13.85 -9.33
N SER B 79 46.57 -14.39 -9.97
CA SER B 79 46.14 -14.00 -11.30
C SER B 79 44.72 -13.46 -11.24
N ARG B 80 44.31 -12.70 -12.28
CA ARG B 80 42.90 -12.36 -12.49
C ARG B 80 42.13 -13.67 -12.75
N PRO B 81 40.77 -13.66 -12.72
CA PRO B 81 39.98 -14.88 -12.94
C PRO B 81 40.29 -15.59 -14.25
N THR B 82 40.22 -16.94 -14.26
CA THR B 82 40.43 -17.69 -15.48
C THR B 82 39.13 -17.71 -16.26
N LEU B 83 39.20 -18.20 -17.51
CA LEU B 83 38.04 -18.42 -18.39
C LEU B 83 37.00 -19.31 -17.70
N GLU B 84 37.41 -20.48 -17.17
CA GLU B 84 36.51 -21.50 -16.63
C GLU B 84 35.77 -20.95 -15.41
N GLU B 85 36.56 -20.34 -14.52
CA GLU B 85 36.08 -19.67 -13.34
C GLU B 85 35.14 -18.52 -13.72
N LEU B 86 35.40 -17.85 -14.86
CA LEU B 86 34.48 -16.86 -15.41
C LEU B 86 33.22 -17.57 -15.92
N GLU B 87 33.35 -18.80 -16.47
CA GLU B 87 32.21 -19.57 -16.92
C GLU B 87 31.39 -20.00 -15.72
N THR B 88 32.10 -20.36 -14.64
CA THR B 88 31.41 -20.76 -13.41
C THR B 88 30.47 -19.67 -12.94
N LEU B 89 30.95 -18.42 -12.98
CA LEU B 89 30.23 -17.25 -12.50
C LEU B 89 29.03 -16.93 -13.38
N HIS B 90 29.19 -17.20 -14.68
CA HIS B 90 28.13 -17.06 -15.67
C HIS B 90 26.97 -17.98 -15.32
N LYS B 91 27.26 -19.26 -15.04
CA LYS B 91 26.25 -20.31 -14.84
C LYS B 91 25.53 -20.17 -13.49
N TYR B 92 26.20 -19.58 -12.50
CA TYR B 92 25.65 -19.33 -11.19
C TYR B 92 24.65 -18.18 -11.29
N PHE B 93 24.87 -17.27 -12.24
CA PHE B 93 23.97 -16.16 -12.45
C PHE B 93 22.93 -16.45 -13.54
N GLN B 94 22.94 -17.68 -14.06
CA GLN B 94 22.06 -18.14 -15.13
C GLN B 94 21.91 -17.05 -16.20
N LEU B 95 23.03 -16.62 -16.78
CA LEU B 95 23.01 -15.45 -17.65
C LEU B 95 22.54 -15.82 -19.06
N ASP B 96 22.48 -17.11 -19.37
CA ASP B 96 21.79 -17.56 -20.57
C ASP B 96 20.39 -16.96 -20.58
N VAL B 97 19.68 -17.07 -19.44
CA VAL B 97 18.27 -16.68 -19.36
C VAL B 97 18.13 -15.19 -19.59
N SER B 98 17.18 -14.82 -20.46
CA SER B 98 16.90 -13.41 -20.69
C SER B 98 15.89 -12.92 -19.66
N LEU B 99 16.32 -11.94 -18.87
CA LEU B 99 15.42 -11.34 -17.90
C LEU B 99 14.46 -10.38 -18.61
N ALA B 100 14.93 -9.69 -19.67
CA ALA B 100 14.10 -8.73 -20.40
C ALA B 100 12.86 -9.43 -20.93
N GLN B 101 13.02 -10.64 -21.48
CA GLN B 101 11.90 -11.40 -22.01
C GLN B 101 10.99 -12.00 -20.94
N LEU B 102 11.53 -12.33 -19.76
CA LEU B 102 10.67 -12.89 -18.72
C LEU B 102 9.81 -11.79 -18.14
N TYR B 103 10.38 -10.60 -17.93
CA TYR B 103 9.67 -9.45 -17.40
C TYR B 103 8.55 -9.04 -18.35
N SER B 104 8.86 -8.99 -19.65
CA SER B 104 7.87 -8.70 -20.67
C SER B 104 6.68 -9.65 -20.56
N HIS B 105 6.93 -10.97 -20.55
CA HIS B 105 5.84 -11.93 -20.50
C HIS B 105 4.99 -11.69 -19.24
N TRP B 106 5.67 -11.39 -18.13
CA TRP B 106 5.01 -11.30 -16.85
C TRP B 106 4.21 -10.01 -16.82
N ALA B 107 4.83 -8.91 -17.22
CA ALA B 107 4.14 -7.64 -17.24
C ALA B 107 2.88 -7.73 -18.09
N SER B 108 2.94 -8.53 -19.17
CA SER B 108 1.88 -8.56 -20.15
C SER B 108 0.66 -9.22 -19.54
N VAL B 109 0.87 -10.16 -18.62
CA VAL B 109 -0.23 -10.92 -18.01
C VAL B 109 -0.63 -10.41 -16.62
N ASP B 110 -0.04 -9.31 -16.13
CA ASP B 110 -0.18 -8.95 -14.72
C ASP B 110 0.25 -7.48 -14.57
N SER B 111 -0.74 -6.57 -14.51
CA SER B 111 -0.44 -5.14 -14.42
C SER B 111 0.23 -4.79 -13.10
N HIS B 112 0.05 -5.62 -12.05
CA HIS B 112 0.63 -5.31 -10.74
C HIS B 112 2.12 -5.63 -10.76
N PHE B 113 2.47 -6.72 -11.45
CA PHE B 113 3.86 -7.03 -11.66
C PHE B 113 4.54 -5.83 -12.32
N GLN B 114 3.89 -5.31 -13.37
CA GLN B 114 4.44 -4.23 -14.16
C GLN B 114 4.73 -3.02 -13.27
N ARG B 115 3.85 -2.67 -12.34
CA ARG B 115 4.07 -1.52 -11.48
C ARG B 115 5.28 -1.76 -10.58
N VAL B 116 5.36 -2.93 -9.97
CA VAL B 116 6.43 -3.20 -9.03
C VAL B 116 7.78 -3.32 -9.76
N ALA B 117 7.77 -3.88 -10.96
CA ALA B 117 9.01 -4.26 -11.64
C ALA B 117 9.82 -3.06 -12.14
N GLN B 118 9.19 -1.88 -12.24
CA GLN B 118 9.86 -0.71 -12.80
C GLN B 118 11.05 -0.28 -11.94
N LYS B 119 10.89 -0.33 -10.62
CA LYS B 119 11.97 0.03 -9.71
C LYS B 119 12.86 -1.17 -9.34
N PHE B 120 12.64 -2.35 -9.92
CA PHE B 120 13.30 -3.54 -9.44
C PHE B 120 13.78 -4.40 -10.61
N GLN B 121 14.61 -3.79 -11.46
CA GLN B 121 15.16 -4.48 -12.61
C GLN B 121 16.25 -5.42 -12.12
N GLY B 122 16.50 -6.48 -12.87
CA GLY B 122 17.69 -7.28 -12.68
C GLY B 122 17.60 -8.29 -11.53
N VAL B 123 16.38 -8.70 -11.17
CA VAL B 123 16.24 -9.72 -10.15
C VAL B 123 16.06 -11.07 -10.82
N ARG B 124 17.07 -11.92 -10.64
CA ARG B 124 17.07 -13.24 -11.24
C ARG B 124 17.40 -14.25 -10.16
N LEU B 125 17.41 -15.51 -10.56
CA LEU B 125 17.67 -16.59 -9.63
C LEU B 125 19.11 -17.02 -9.78
N LEU B 126 19.77 -17.21 -8.64
CA LEU B 126 21.07 -17.84 -8.63
C LEU B 126 20.79 -19.32 -8.73
N ARG B 127 21.76 -20.05 -9.27
CA ARG B 127 21.72 -21.49 -9.35
C ARG B 127 22.69 -21.99 -8.29
N GLN B 128 22.16 -22.56 -7.21
CA GLN B 128 22.95 -22.79 -6.01
C GLN B 128 23.27 -24.27 -5.95
N ASP B 129 24.33 -24.61 -5.21
CA ASP B 129 24.67 -25.98 -4.90
C ASP B 129 23.55 -26.49 -3.99
N PRO B 130 22.92 -27.64 -4.30
CA PRO B 130 21.88 -28.21 -3.44
C PRO B 130 22.16 -28.19 -1.94
N THR B 131 23.27 -28.83 -1.54
CA THR B 131 23.61 -29.02 -0.14
C THR B 131 23.55 -27.69 0.60
N GLU B 132 24.22 -26.68 0.07
CA GLU B 132 24.32 -25.40 0.75
C GLU B 132 22.93 -24.80 0.88
N CYS B 133 22.09 -25.10 -0.12
CA CYS B 133 20.82 -24.41 -0.28
C CYS B 133 19.86 -24.95 0.77
N LEU B 134 19.77 -26.28 0.79
CA LEU B 134 19.06 -27.06 1.77
C LEU B 134 19.33 -26.52 3.17
N PHE B 135 20.59 -26.66 3.64
CA PHE B 135 20.88 -26.45 5.05
C PHE B 135 20.69 -24.99 5.36
N SER B 136 20.94 -24.16 4.36
CA SER B 136 20.67 -22.75 4.56
C SER B 136 19.17 -22.50 4.76
N PHE B 137 18.28 -23.22 4.06
CA PHE B 137 16.87 -22.82 4.10
C PHE B 137 16.18 -23.34 5.37
N ILE B 138 16.59 -24.52 5.81
CA ILE B 138 16.33 -25.04 7.12
C ILE B 138 16.55 -23.94 8.16
N CYS B 139 17.69 -23.26 8.10
CA CYS B 139 17.93 -22.23 9.08
C CYS B 139 16.99 -21.03 8.87
N SER B 140 16.07 -21.11 7.88
CA SER B 140 15.37 -19.90 7.46
C SER B 140 14.10 -19.69 8.27
N SER B 141 13.56 -20.79 8.82
CA SER B 141 12.46 -20.79 9.77
C SER B 141 12.42 -19.57 10.73
N ASN B 142 11.25 -18.93 10.81
CA ASN B 142 10.98 -17.82 11.72
C ASN B 142 12.16 -16.84 11.77
N ASN B 143 12.63 -16.41 10.60
CA ASN B 143 13.87 -15.67 10.55
C ASN B 143 13.79 -14.56 9.52
N ASN B 144 14.76 -13.63 9.61
CA ASN B 144 15.00 -12.61 8.60
C ASN B 144 16.37 -12.91 7.99
N ILE B 145 16.79 -12.11 7.00
CA ILE B 145 18.01 -12.37 6.27
C ILE B 145 19.19 -12.21 7.23
N ALA B 146 19.25 -11.06 7.93
CA ALA B 146 20.34 -10.73 8.84
C ALA B 146 20.66 -11.91 9.75
N ARG B 147 19.63 -12.48 10.39
CA ARG B 147 19.81 -13.52 11.39
C ARG B 147 20.20 -14.85 10.73
N ILE B 148 19.72 -15.11 9.52
CA ILE B 148 20.04 -16.34 8.80
C ILE B 148 21.48 -16.25 8.31
N THR B 149 21.94 -15.04 7.96
CA THR B 149 23.31 -14.84 7.51
C THR B 149 24.28 -15.28 8.61
N GLY B 150 24.17 -14.62 9.78
CA GLY B 150 24.95 -14.97 10.96
C GLY B 150 24.98 -16.48 11.21
N MET B 151 23.82 -17.11 11.15
CA MET B 151 23.69 -18.51 11.50
C MET B 151 24.52 -19.36 10.55
N VAL B 152 24.48 -19.03 9.24
CA VAL B 152 25.16 -19.86 8.25
C VAL B 152 26.66 -19.57 8.28
N GLU B 153 27.07 -18.31 8.43
CA GLU B 153 28.48 -18.03 8.66
C GLU B 153 29.05 -18.93 9.76
N ARG B 154 28.44 -18.87 10.95
CA ARG B 154 28.94 -19.59 12.11
C ARG B 154 28.92 -21.08 11.82
N LEU B 155 27.91 -21.51 11.08
CA LEU B 155 27.80 -22.93 10.82
C LEU B 155 29.04 -23.33 10.02
N CYS B 156 29.50 -22.42 9.14
CA CYS B 156 30.50 -22.73 8.12
C CYS B 156 31.89 -22.71 8.78
N GLN B 157 32.14 -21.63 9.56
CA GLN B 157 33.31 -21.52 10.41
C GLN B 157 33.55 -22.76 11.27
N ALA B 158 32.49 -23.27 11.90
CA ALA B 158 32.61 -24.39 12.81
C ALA B 158 32.79 -25.71 12.06
N PHE B 159 32.13 -25.90 10.92
CA PHE B 159 32.08 -27.25 10.33
C PHE B 159 32.69 -27.29 8.93
N GLY B 160 33.03 -26.11 8.36
CA GLY B 160 33.53 -26.06 7.00
C GLY B 160 35.04 -25.83 6.90
N PRO B 161 35.73 -26.53 5.96
CA PRO B 161 37.12 -26.23 5.60
C PRO B 161 37.52 -24.76 5.53
N ARG B 162 38.66 -24.42 6.17
CA ARG B 162 39.19 -23.06 6.13
C ARG B 162 39.86 -22.88 4.77
N LEU B 163 39.60 -21.73 4.13
CA LEU B 163 40.01 -21.52 2.74
C LEU B 163 41.14 -20.50 2.69
N ILE B 164 40.84 -19.25 3.13
CA ILE B 164 41.72 -18.09 3.02
C ILE B 164 41.22 -17.03 3.99
N GLN B 165 42.05 -16.01 4.27
CA GLN B 165 41.67 -14.89 5.12
C GLN B 165 41.96 -13.58 4.40
N LEU B 166 41.08 -12.59 4.60
CA LEU B 166 41.18 -11.26 4.03
C LEU B 166 40.76 -10.27 5.10
N ASP B 167 41.55 -9.21 5.32
CA ASP B 167 41.34 -8.35 6.48
C ASP B 167 41.14 -9.26 7.70
N ASP B 168 40.07 -9.06 8.50
CA ASP B 168 39.80 -9.95 9.62
C ASP B 168 38.59 -10.83 9.33
N VAL B 169 38.33 -11.06 8.04
CA VAL B 169 37.25 -11.94 7.62
C VAL B 169 37.85 -13.23 7.08
N THR B 170 37.54 -14.36 7.73
CA THR B 170 38.01 -15.66 7.27
C THR B 170 36.88 -16.40 6.57
N TYR B 171 37.24 -17.08 5.47
CA TYR B 171 36.26 -17.69 4.59
C TYR B 171 36.34 -19.21 4.71
N HIS B 172 35.17 -19.84 4.90
CA HIS B 172 35.06 -21.29 4.92
C HIS B 172 34.14 -21.80 3.82
N GLY B 173 34.50 -22.97 3.29
CA GLY B 173 33.66 -23.71 2.38
C GLY B 173 32.40 -24.16 3.12
N PHE B 174 31.42 -24.66 2.35
CA PHE B 174 30.21 -25.15 2.96
C PHE B 174 30.46 -26.60 3.40
N PRO B 175 30.10 -26.97 4.64
CA PRO B 175 30.42 -28.30 5.14
C PRO B 175 29.79 -29.34 4.23
N ASN B 176 30.46 -30.50 4.13
CA ASN B 176 29.83 -31.65 3.50
C ASN B 176 28.94 -32.30 4.55
N LEU B 177 28.20 -33.34 4.15
CA LEU B 177 27.18 -33.96 4.98
C LEU B 177 27.81 -34.55 6.25
N HIS B 178 28.77 -35.47 6.10
CA HIS B 178 29.42 -36.14 7.23
C HIS B 178 29.69 -35.12 8.32
N ALA B 179 30.33 -34.01 7.95
CA ALA B 179 30.73 -32.99 8.92
C ALA B 179 29.53 -32.51 9.74
N LEU B 180 28.35 -32.42 9.11
CA LEU B 180 27.17 -31.89 9.79
C LEU B 180 26.42 -32.99 10.54
N ALA B 181 26.69 -34.26 10.19
CA ALA B 181 25.92 -35.40 10.67
C ALA B 181 26.42 -35.90 12.03
N GLY B 182 27.53 -35.34 12.52
CA GLY B 182 28.31 -35.98 13.57
C GLY B 182 27.81 -35.66 14.97
N PRO B 183 28.10 -36.56 15.93
CA PRO B 183 27.39 -36.60 17.22
C PRO B 183 27.22 -35.29 18.00
N GLU B 184 28.17 -34.36 17.86
CA GLU B 184 28.19 -33.17 18.68
C GLU B 184 27.72 -31.97 17.85
N ALA B 185 27.24 -32.24 16.62
CA ALA B 185 26.94 -31.15 15.72
C ALA B 185 25.85 -30.27 16.31
N GLU B 186 24.74 -30.90 16.73
CA GLU B 186 23.59 -30.18 17.27
C GLU B 186 24.04 -29.30 18.44
N THR B 187 24.84 -29.86 19.34
CA THR B 187 25.21 -29.13 20.54
C THR B 187 25.93 -27.83 20.13
N HIS B 188 26.98 -27.94 19.32
CA HIS B 188 27.79 -26.80 18.89
C HIS B 188 26.86 -25.75 18.26
N LEU B 189 25.94 -26.24 17.41
CA LEU B 189 25.01 -25.41 16.64
C LEU B 189 24.05 -24.64 17.55
N ARG B 190 23.66 -25.25 18.67
CA ARG B 190 22.78 -24.58 19.63
C ARG B 190 23.54 -23.49 20.37
N LYS B 191 24.82 -23.75 20.64
CA LYS B 191 25.64 -22.76 21.31
C LYS B 191 25.93 -21.61 20.34
N LEU B 192 25.79 -21.88 19.04
CA LEU B 192 25.93 -20.86 18.01
C LEU B 192 24.64 -20.06 17.81
N GLY B 193 23.55 -20.47 18.48
CA GLY B 193 22.27 -19.76 18.44
C GLY B 193 21.37 -20.16 17.27
N LEU B 194 21.42 -21.45 16.86
CA LEU B 194 20.54 -21.93 15.81
C LEU B 194 19.17 -22.29 16.38
N GLY B 195 19.04 -22.29 17.73
CA GLY B 195 17.85 -22.84 18.36
C GLY B 195 17.53 -24.24 17.83
N TYR B 196 16.23 -24.45 17.53
CA TYR B 196 15.65 -25.72 17.10
C TYR B 196 16.24 -26.20 15.78
N ARG B 197 16.71 -25.22 14.99
CA ARG B 197 17.11 -25.47 13.62
C ARG B 197 18.32 -26.38 13.66
N ALA B 198 19.11 -26.26 14.73
CA ALA B 198 20.22 -27.16 15.02
C ALA B 198 19.81 -28.63 14.86
N ARG B 199 18.65 -29.02 15.39
CA ARG B 199 18.26 -30.41 15.35
C ARG B 199 18.02 -30.85 13.92
N TYR B 200 17.34 -29.99 13.15
CA TYR B 200 16.89 -30.34 11.81
C TYR B 200 18.13 -30.55 10.92
N VAL B 201 19.10 -29.62 11.01
CA VAL B 201 20.36 -29.71 10.27
C VAL B 201 20.98 -31.10 10.48
N ARG B 202 21.25 -31.44 11.75
CA ARG B 202 22.03 -32.61 12.05
C ARG B 202 21.29 -33.82 11.48
N ALA B 203 19.99 -33.90 11.82
CA ALA B 203 19.13 -35.02 11.48
C ALA B 203 19.04 -35.22 9.97
N SER B 204 18.75 -34.14 9.22
CA SER B 204 18.61 -34.22 7.77
C SER B 204 19.91 -34.69 7.14
N ALA B 205 21.01 -34.00 7.49
CA ALA B 205 22.33 -34.35 6.99
C ALA B 205 22.52 -35.85 7.09
N LYS B 206 22.38 -36.31 8.35
CA LYS B 206 22.50 -37.71 8.71
C LYS B 206 21.61 -38.57 7.80
N ALA B 207 20.33 -38.16 7.68
CA ALA B 207 19.33 -38.87 6.90
C ALA B 207 19.76 -39.06 5.45
N ILE B 208 20.24 -37.99 4.80
CA ILE B 208 20.65 -38.08 3.41
C ILE B 208 21.71 -39.18 3.24
N LEU B 209 22.75 -39.14 4.07
CA LEU B 209 23.85 -40.10 3.96
C LEU B 209 23.31 -41.53 4.01
N GLU B 210 22.67 -41.85 5.13
CA GLU B 210 22.31 -43.22 5.48
C GLU B 210 21.17 -43.64 4.57
N GLU B 211 20.02 -42.96 4.67
CA GLU B 211 18.78 -43.38 4.04
C GLU B 211 18.85 -43.26 2.51
N GLN B 212 19.48 -42.20 1.99
CA GLN B 212 19.37 -41.87 0.57
C GLN B 212 20.65 -42.23 -0.20
N GLY B 213 21.81 -42.21 0.47
CA GLY B 213 23.04 -42.71 -0.11
C GLY B 213 23.96 -41.59 -0.63
N GLY B 214 24.03 -40.48 0.11
CA GLY B 214 25.04 -39.44 -0.10
C GLY B 214 24.58 -38.31 -1.02
N PRO B 215 25.48 -37.37 -1.38
CA PRO B 215 25.10 -36.13 -2.09
C PRO B 215 24.71 -36.29 -3.55
N ALA B 216 24.89 -37.50 -4.12
CA ALA B 216 24.49 -37.81 -5.48
C ALA B 216 22.98 -38.06 -5.57
N TRP B 217 22.30 -38.07 -4.42
CA TRP B 217 20.85 -38.08 -4.37
C TRP B 217 20.31 -36.70 -4.75
N LEU B 218 20.91 -35.63 -4.20
CA LEU B 218 20.48 -34.28 -4.44
C LEU B 218 20.66 -33.92 -5.92
N GLN B 219 21.76 -34.35 -6.53
CA GLN B 219 21.97 -34.14 -7.95
C GLN B 219 20.86 -34.84 -8.72
N GLN B 220 20.42 -36.02 -8.24
CA GLN B 220 19.38 -36.81 -8.89
C GLN B 220 18.11 -35.98 -8.97
N LEU B 221 17.83 -35.19 -7.92
CA LEU B 221 16.62 -34.39 -7.82
C LEU B 221 16.70 -33.19 -8.76
N ARG B 222 17.91 -32.75 -9.07
CA ARG B 222 18.07 -31.64 -10.00
C ARG B 222 17.66 -32.04 -11.43
N VAL B 223 17.68 -33.35 -11.75
CA VAL B 223 17.29 -33.82 -13.07
C VAL B 223 15.92 -34.47 -13.02
N ALA B 224 15.41 -34.75 -11.81
CA ALA B 224 14.05 -35.29 -11.67
C ALA B 224 13.01 -34.20 -11.94
N PRO B 225 11.75 -34.55 -12.35
CA PRO B 225 10.70 -33.55 -12.48
C PRO B 225 10.32 -32.97 -11.12
N TYR B 226 9.67 -31.79 -11.15
CA TYR B 226 9.51 -30.89 -10.01
C TYR B 226 8.80 -31.58 -8.86
N GLU B 227 7.73 -32.32 -9.18
CA GLU B 227 6.81 -32.86 -8.20
C GLU B 227 7.50 -33.96 -7.39
N GLU B 228 8.41 -34.69 -8.06
CA GLU B 228 9.10 -35.83 -7.46
C GLU B 228 10.19 -35.33 -6.50
N ALA B 229 10.85 -34.26 -6.93
CA ALA B 229 11.84 -33.56 -6.11
C ALA B 229 11.19 -33.00 -4.85
N HIS B 230 10.09 -32.23 -5.02
CA HIS B 230 9.43 -31.55 -3.91
C HIS B 230 9.03 -32.53 -2.82
N LYS B 231 8.36 -33.59 -3.26
CA LYS B 231 8.01 -34.70 -2.39
C LYS B 231 9.25 -35.22 -1.67
N ALA B 232 10.30 -35.54 -2.44
CA ALA B 232 11.50 -36.13 -1.88
C ALA B 232 12.10 -35.21 -0.80
N LEU B 233 12.16 -33.90 -1.07
CA LEU B 233 12.72 -32.95 -0.12
C LEU B 233 11.87 -32.87 1.15
N CYS B 234 10.54 -33.09 1.01
CA CYS B 234 9.64 -32.91 2.13
C CYS B 234 9.79 -34.05 3.15
N THR B 235 10.33 -35.21 2.71
CA THR B 235 10.70 -36.31 3.61
C THR B 235 11.80 -35.92 4.61
N LEU B 236 12.56 -34.85 4.34
CA LEU B 236 13.68 -34.51 5.19
C LEU B 236 13.19 -33.76 6.42
N PRO B 237 13.77 -34.08 7.61
CA PRO B 237 13.51 -33.35 8.86
C PRO B 237 13.65 -31.83 8.79
N GLY B 238 12.59 -31.13 9.19
CA GLY B 238 12.58 -29.67 9.10
C GLY B 238 12.40 -29.13 7.69
N VAL B 239 12.06 -29.98 6.71
CA VAL B 239 11.75 -29.48 5.37
C VAL B 239 10.26 -29.64 5.07
N GLY B 240 9.53 -28.53 5.03
CA GLY B 240 8.15 -28.52 4.55
C GLY B 240 8.04 -28.10 3.08
N ALA B 241 6.83 -27.70 2.71
CA ALA B 241 6.54 -27.27 1.34
C ALA B 241 7.33 -26.03 0.95
N LYS B 242 7.34 -25.04 1.85
CA LYS B 242 7.94 -23.75 1.57
C LYS B 242 9.45 -23.91 1.37
N VAL B 243 10.11 -24.60 2.30
CA VAL B 243 11.54 -24.78 2.18
C VAL B 243 11.86 -25.55 0.91
N ALA B 244 11.09 -26.59 0.62
CA ALA B 244 11.31 -27.45 -0.52
C ALA B 244 11.12 -26.66 -1.81
N ASP B 245 10.13 -25.78 -1.82
CA ASP B 245 9.89 -24.96 -3.00
C ASP B 245 11.10 -24.05 -3.24
N CYS B 246 11.65 -23.53 -2.15
CA CYS B 246 12.82 -22.68 -2.16
C CYS B 246 14.00 -23.39 -2.82
N ILE B 247 14.31 -24.57 -2.33
CA ILE B 247 15.38 -25.42 -2.84
C ILE B 247 15.12 -25.81 -4.29
N CYS B 248 13.90 -26.26 -4.57
CA CYS B 248 13.54 -26.67 -5.91
C CYS B 248 13.85 -25.55 -6.88
N LEU B 249 13.41 -24.34 -6.52
CA LEU B 249 13.55 -23.17 -7.38
C LEU B 249 15.01 -22.73 -7.53
N MET B 250 15.81 -22.86 -6.47
CA MET B 250 17.04 -22.10 -6.33
C MET B 250 18.24 -23.00 -6.60
N ALA B 251 18.02 -24.30 -6.68
CA ALA B 251 19.12 -25.24 -6.74
C ALA B 251 18.76 -26.49 -7.56
N LEU B 252 17.48 -26.82 -7.68
CA LEU B 252 17.11 -27.99 -8.45
C LEU B 252 16.51 -27.62 -9.81
N ASP B 253 16.75 -26.39 -10.29
CA ASP B 253 16.34 -26.00 -11.64
C ASP B 253 14.86 -26.31 -11.87
N LYS B 254 14.00 -25.89 -10.95
CA LYS B 254 12.56 -25.93 -11.15
C LYS B 254 12.06 -24.50 -11.16
N PRO B 255 12.07 -23.78 -12.29
CA PRO B 255 11.70 -22.37 -12.29
C PRO B 255 10.23 -22.10 -11.96
N GLN B 256 9.42 -23.16 -11.97
CA GLN B 256 7.98 -23.06 -11.79
C GLN B 256 7.64 -23.18 -10.31
N ALA B 257 8.65 -23.50 -9.48
CA ALA B 257 8.45 -23.64 -8.05
C ALA B 257 8.16 -22.29 -7.40
N VAL B 258 7.11 -22.23 -6.59
CA VAL B 258 6.63 -20.99 -6.03
C VAL B 258 6.50 -21.13 -4.51
N PRO B 259 7.45 -20.67 -3.68
CA PRO B 259 7.38 -20.87 -2.24
C PRO B 259 6.21 -20.08 -1.63
N VAL B 260 5.40 -20.76 -0.81
CA VAL B 260 4.24 -20.13 -0.22
C VAL B 260 4.41 -20.10 1.31
N ASP B 261 4.52 -18.87 1.85
CA ASP B 261 4.72 -18.56 3.26
C ASP B 261 3.69 -17.51 3.66
N VAL B 262 3.91 -16.88 4.81
CA VAL B 262 2.99 -15.87 5.31
C VAL B 262 3.08 -14.63 4.42
N HIS B 263 4.31 -14.26 4.03
CA HIS B 263 4.53 -13.11 3.17
C HIS B 263 3.63 -13.24 1.94
N VAL B 264 3.88 -14.30 1.13
CA VAL B 264 3.29 -14.51 -0.20
C VAL B 264 1.77 -14.58 -0.09
N TRP B 265 1.28 -15.22 0.97
CA TRP B 265 -0.12 -15.28 1.29
C TRP B 265 -0.76 -13.91 1.45
N GLN B 266 -0.03 -12.94 2.02
CA GLN B 266 -0.59 -11.62 2.28
C GLN B 266 -0.54 -10.78 0.99
N ILE B 267 0.55 -10.88 0.24
CA ILE B 267 0.62 -10.31 -1.09
C ILE B 267 -0.57 -10.82 -1.93
N ALA B 268 -0.72 -12.13 -2.00
CA ALA B 268 -1.71 -12.71 -2.89
C ALA B 268 -3.08 -12.14 -2.57
N HIS B 269 -3.40 -12.07 -1.26
CA HIS B 269 -4.69 -11.61 -0.77
C HIS B 269 -4.87 -10.13 -1.07
N ARG B 270 -3.84 -9.36 -0.75
CA ARG B 270 -3.89 -7.92 -0.82
C ARG B 270 -3.88 -7.44 -2.27
N ASP B 271 -2.85 -7.85 -3.02
CA ASP B 271 -2.54 -7.27 -4.33
C ASP B 271 -3.24 -7.96 -5.49
N TYR B 272 -3.71 -9.21 -5.30
CA TYR B 272 -4.36 -9.94 -6.36
C TYR B 272 -5.82 -10.26 -6.02
N GLY B 273 -6.26 -10.00 -4.78
CA GLY B 273 -7.64 -10.31 -4.39
C GLY B 273 -7.88 -11.81 -4.20
N TRP B 274 -6.83 -12.59 -4.00
CA TRP B 274 -6.94 -14.04 -3.92
C TRP B 274 -7.47 -14.48 -2.58
N HIS B 275 -8.43 -15.40 -2.62
CA HIS B 275 -8.83 -16.19 -1.47
C HIS B 275 -8.89 -17.64 -1.89
N PRO B 276 -8.64 -18.59 -0.97
CA PRO B 276 -8.72 -20.02 -1.29
C PRO B 276 -10.19 -20.42 -1.36
N LYS B 277 -10.51 -21.50 -2.08
CA LYS B 277 -11.87 -22.00 -2.04
C LYS B 277 -11.92 -23.27 -1.19
N THR B 278 -13.14 -23.67 -0.80
CA THR B 278 -13.45 -24.98 -0.22
C THR B 278 -12.95 -25.09 1.21
N SER B 279 -11.96 -24.27 1.57
CA SER B 279 -11.22 -24.46 2.80
C SER B 279 -12.02 -23.90 3.97
N GLN B 280 -12.12 -24.72 5.03
CA GLN B 280 -12.86 -24.39 6.23
C GLN B 280 -12.07 -23.33 7.01
N ALA B 281 -10.77 -23.58 7.17
CA ALA B 281 -9.85 -22.54 7.58
C ALA B 281 -9.59 -21.61 6.40
N LYS B 282 -9.73 -20.30 6.65
CA LYS B 282 -9.49 -19.29 5.62
C LYS B 282 -8.11 -18.64 5.84
N GLY B 283 -7.26 -19.31 6.63
CA GLY B 283 -5.83 -19.00 6.69
C GLY B 283 -5.02 -20.09 5.99
N PRO B 284 -3.67 -20.09 6.12
CA PRO B 284 -2.84 -21.16 5.56
C PRO B 284 -3.25 -22.58 5.99
N SER B 285 -3.11 -23.50 5.02
CA SER B 285 -3.17 -24.93 5.24
C SER B 285 -2.44 -25.58 4.07
N PRO B 286 -1.94 -26.83 4.21
CA PRO B 286 -1.15 -27.43 3.13
C PRO B 286 -1.86 -27.34 1.77
N LEU B 287 -3.19 -27.51 1.76
CA LEU B 287 -3.96 -27.55 0.52
C LEU B 287 -4.21 -26.15 0.01
N ALA B 288 -4.45 -25.23 0.93
CA ALA B 288 -4.62 -23.85 0.52
C ALA B 288 -3.32 -23.35 -0.13
N ASN B 289 -2.17 -23.70 0.46
CA ASN B 289 -0.88 -23.25 0.00
C ASN B 289 -0.60 -23.81 -1.40
N LYS B 290 -0.86 -25.10 -1.58
CA LYS B 290 -0.67 -25.71 -2.88
C LYS B 290 -1.48 -24.92 -3.92
N GLU B 291 -2.73 -24.59 -3.59
CA GLU B 291 -3.62 -23.90 -4.50
C GLU B 291 -3.01 -22.55 -4.90
N LEU B 292 -2.42 -21.84 -3.94
CA LEU B 292 -1.88 -20.52 -4.22
C LEU B 292 -0.63 -20.65 -5.11
N GLY B 293 0.15 -21.72 -4.96
CA GLY B 293 1.22 -21.98 -5.90
C GLY B 293 0.71 -22.17 -7.32
N ASN B 294 -0.37 -22.97 -7.47
CA ASN B 294 -0.93 -23.25 -8.78
C ASN B 294 -1.52 -21.96 -9.35
N PHE B 295 -2.14 -21.13 -8.49
CA PHE B 295 -2.63 -19.86 -8.97
C PHE B 295 -1.50 -19.07 -9.63
N PHE B 296 -0.32 -19.02 -9.00
CA PHE B 296 0.74 -18.17 -9.46
C PHE B 296 1.35 -18.76 -10.75
N ARG B 297 1.55 -20.09 -10.78
CA ARG B 297 1.93 -20.73 -12.04
C ARG B 297 0.96 -20.41 -13.19
N ASN B 298 -0.36 -20.60 -13.02
CA ASN B 298 -1.30 -20.29 -14.11
C ASN B 298 -1.14 -18.85 -14.58
N LEU B 299 -0.98 -17.92 -13.63
CA LEU B 299 -0.83 -16.52 -13.98
C LEU B 299 0.48 -16.24 -14.71
N TRP B 300 1.62 -16.73 -14.18
CA TRP B 300 2.92 -16.27 -14.63
C TRP B 300 3.60 -17.22 -15.61
N GLY B 301 3.21 -18.48 -15.61
CA GLY B 301 3.77 -19.44 -16.54
C GLY B 301 4.87 -20.30 -15.91
N PRO B 302 5.80 -20.83 -16.73
CA PRO B 302 6.75 -21.84 -16.27
C PRO B 302 7.96 -21.25 -15.51
N TYR B 303 8.12 -19.93 -15.53
CA TYR B 303 9.08 -19.27 -14.66
C TYR B 303 8.36 -18.54 -13.50
N ALA B 304 7.29 -19.12 -12.93
CA ALA B 304 6.56 -18.49 -11.81
C ALA B 304 7.45 -18.20 -10.59
N GLY B 305 8.36 -19.12 -10.25
CA GLY B 305 9.28 -18.97 -9.14
C GLY B 305 10.10 -17.70 -9.26
N TRP B 306 10.59 -17.49 -10.48
CA TRP B 306 11.43 -16.35 -10.72
C TRP B 306 10.57 -15.11 -10.54
N ALA B 307 9.36 -15.09 -11.09
CA ALA B 307 8.59 -13.86 -10.99
C ALA B 307 8.26 -13.55 -9.54
N GLN B 308 8.04 -14.60 -8.75
CA GLN B 308 7.84 -14.54 -7.30
C GLN B 308 9.01 -13.83 -6.61
N ALA B 309 10.23 -14.20 -6.97
CA ALA B 309 11.47 -13.65 -6.42
C ALA B 309 11.62 -12.15 -6.72
N VAL B 310 11.12 -11.69 -7.86
CA VAL B 310 11.07 -10.25 -8.12
C VAL B 310 10.20 -9.56 -7.06
N LEU B 311 8.99 -10.11 -6.82
CA LEU B 311 8.09 -9.51 -5.84
C LEU B 311 8.65 -9.66 -4.42
N PHE B 312 9.23 -10.82 -4.10
CA PHE B 312 9.76 -11.01 -2.76
C PHE B 312 10.79 -9.93 -2.48
N SER B 313 11.70 -9.79 -3.44
CA SER B 313 12.77 -8.82 -3.35
C SER B 313 12.26 -7.38 -3.33
N ALA B 314 10.98 -7.15 -3.65
CA ALA B 314 10.37 -5.82 -3.55
C ALA B 314 9.50 -5.67 -2.31
N ASP B 315 9.17 -6.76 -1.63
CA ASP B 315 8.45 -6.71 -0.36
C ASP B 315 9.39 -6.39 0.81
N LEU B 316 10.72 -6.48 0.59
CA LEU B 316 11.74 -6.18 1.59
C LEU B 316 12.07 -4.69 1.64
N ARG B 317 12.09 -4.07 0.46
CA ARG B 317 12.33 -2.62 0.34
C ARG B 317 11.02 -1.87 0.60
N GLN B 318 10.64 -1.78 1.89
CA GLN B 318 9.46 -1.05 2.34
C GLN B 318 8.21 -1.58 1.62
N GLY C 1 -2.33 27.97 -48.68
CA GLY C 1 -2.31 28.43 -47.29
C GLY C 1 -0.97 28.17 -46.62
N SER C 2 -0.66 28.96 -45.60
CA SER C 2 0.59 28.71 -44.88
C SER C 2 0.44 27.40 -44.13
N HIS C 3 1.59 26.74 -43.92
CA HIS C 3 1.74 25.72 -42.89
C HIS C 3 1.26 26.23 -41.54
N MET C 4 0.32 25.50 -40.91
CA MET C 4 -0.17 25.90 -39.59
C MET C 4 0.48 25.02 -38.53
N ARG C 5 0.95 25.67 -37.47
CA ARG C 5 1.57 24.98 -36.34
C ARG C 5 0.60 24.93 -35.18
N HIS C 6 0.79 23.95 -34.28
CA HIS C 6 0.09 23.89 -33.00
C HIS C 6 0.43 25.15 -32.24
N ARG C 7 -0.62 25.78 -31.68
CA ARG C 7 -0.46 27.03 -30.94
C ARG C 7 -0.05 26.73 -29.48
N THR C 8 0.51 27.76 -28.83
CA THR C 8 0.66 27.84 -27.38
C THR C 8 0.10 29.19 -26.92
N LEU C 9 0.25 29.52 -25.63
CA LEU C 9 -0.47 30.64 -25.04
C LEU C 9 0.25 31.97 -25.30
N SER C 10 1.59 31.92 -25.37
CA SER C 10 2.40 33.06 -25.76
C SER C 10 2.99 32.86 -27.16
N SER C 11 2.33 32.04 -28.00
CA SER C 11 2.40 32.12 -29.45
C SER C 11 1.42 33.18 -29.93
N SER C 12 0.14 32.90 -29.72
CA SER C 12 -0.89 33.51 -30.54
C SER C 12 -1.98 34.11 -29.65
N PRO C 13 -1.62 34.85 -28.58
CA PRO C 13 -2.58 35.21 -27.53
C PRO C 13 -3.87 35.84 -28.07
N ALA C 14 -3.76 36.51 -29.22
CA ALA C 14 -4.91 37.09 -29.90
C ALA C 14 -6.02 36.05 -30.09
N LEU C 15 -5.64 34.78 -30.30
CA LEU C 15 -6.59 33.76 -30.73
C LEU C 15 -7.02 32.84 -29.57
N TRP C 16 -6.63 33.17 -28.33
CA TRP C 16 -7.01 32.40 -27.16
C TRP C 16 -8.12 33.10 -26.35
N ALA C 17 -9.34 32.52 -26.35
CA ALA C 17 -10.38 32.92 -25.41
C ALA C 17 -10.10 32.30 -24.04
N SER C 18 -10.93 32.61 -23.04
CA SER C 18 -10.79 31.94 -21.75
C SER C 18 -12.17 31.69 -21.13
N ILE C 19 -12.23 30.59 -20.37
CA ILE C 19 -13.33 30.31 -19.45
C ILE C 19 -12.78 30.35 -18.03
N PRO C 20 -13.39 31.16 -17.13
CA PRO C 20 -12.94 31.25 -15.74
C PRO C 20 -13.23 29.92 -15.06
N CYS C 21 -12.17 29.20 -14.68
CA CYS C 21 -12.36 27.83 -14.23
C CYS C 21 -11.15 27.37 -13.43
N PRO C 22 -11.30 27.17 -12.10
CA PRO C 22 -10.16 26.86 -11.24
C PRO C 22 -9.54 25.50 -11.57
N ARG C 23 -8.21 25.38 -11.40
CA ARG C 23 -7.53 24.11 -11.54
C ARG C 23 -8.12 23.06 -10.57
N SER C 24 -8.75 23.52 -9.48
CA SER C 24 -9.32 22.61 -8.47
C SER C 24 -10.60 21.97 -8.99
N GLU C 25 -11.28 22.62 -9.96
CA GLU C 25 -12.48 22.07 -10.59
C GLU C 25 -12.18 21.25 -11.86
N LEU C 26 -10.93 21.26 -12.34
CA LEU C 26 -10.60 20.58 -13.59
C LEU C 26 -9.09 20.60 -13.80
N ARG C 27 -8.51 19.40 -13.83
CA ARG C 27 -7.14 19.21 -14.26
C ARG C 27 -7.14 18.49 -15.61
N LEU C 28 -6.85 19.25 -16.66
CA LEU C 28 -6.68 18.73 -18.00
C LEU C 28 -5.78 17.50 -17.98
N ASP C 29 -4.63 17.59 -17.27
CA ASP C 29 -3.66 16.52 -17.31
C ASP C 29 -4.14 15.25 -16.61
N LEU C 30 -5.31 15.28 -15.94
CA LEU C 30 -5.83 14.08 -15.30
C LEU C 30 -7.06 13.56 -16.03
N VAL C 31 -7.64 14.35 -16.92
CA VAL C 31 -8.93 14.04 -17.51
C VAL C 31 -8.79 13.63 -18.97
N LEU C 32 -7.88 14.27 -19.71
CA LEU C 32 -7.89 14.20 -21.16
C LEU C 32 -7.21 12.95 -21.68
N ALA C 33 -6.19 12.44 -20.97
CA ALA C 33 -5.54 11.20 -21.39
C ALA C 33 -5.45 10.19 -20.24
N SER C 34 -6.59 9.97 -19.57
CA SER C 34 -6.69 9.13 -18.39
C SER C 34 -7.82 8.09 -18.53
N GLY C 35 -8.32 7.89 -19.74
CA GLY C 35 -9.17 6.74 -20.07
C GLY C 35 -10.64 7.07 -20.24
N GLN C 36 -10.96 8.36 -20.46
CA GLN C 36 -12.31 8.78 -20.79
C GLN C 36 -12.46 9.01 -22.30
N SER C 37 -11.67 9.96 -22.85
CA SER C 37 -11.54 10.15 -24.27
C SER C 37 -10.12 9.74 -24.64
N PHE C 38 -9.90 9.37 -25.91
CA PHE C 38 -8.60 8.96 -26.41
C PHE C 38 -8.06 9.94 -27.46
N ARG C 39 -8.71 11.10 -27.59
CA ARG C 39 -8.56 11.95 -28.77
C ARG C 39 -7.64 13.15 -28.48
N TRP C 40 -7.02 13.18 -27.29
CA TRP C 40 -6.26 14.33 -26.85
C TRP C 40 -4.82 13.95 -26.61
N LYS C 41 -3.90 14.82 -27.08
CA LYS C 41 -2.46 14.67 -26.92
C LYS C 41 -1.84 15.99 -26.45
N GLU C 42 -0.76 15.87 -25.67
CA GLU C 42 -0.01 17.02 -25.19
C GLU C 42 1.10 17.38 -26.19
N GLN C 43 0.75 18.13 -27.26
CA GLN C 43 1.64 18.34 -28.41
C GLN C 43 2.76 19.30 -28.04
N SER C 44 2.54 20.21 -27.09
CA SER C 44 3.63 20.84 -26.37
C SER C 44 3.29 20.87 -24.88
N PRO C 45 4.29 21.05 -23.96
CA PRO C 45 4.04 20.99 -22.52
C PRO C 45 2.79 21.76 -22.09
N ALA C 46 1.86 21.08 -21.38
CA ALA C 46 0.69 21.71 -20.79
C ALA C 46 -0.29 22.24 -21.85
N HIS C 47 -0.09 21.90 -23.12
CA HIS C 47 -1.02 22.26 -24.18
C HIS C 47 -1.58 20.98 -24.79
N TRP C 48 -2.90 20.76 -24.63
CA TRP C 48 -3.57 19.55 -25.10
C TRP C 48 -4.33 19.83 -26.38
N SER C 49 -4.11 18.99 -27.41
CA SER C 49 -4.74 19.18 -28.71
C SER C 49 -5.54 17.96 -29.12
N GLY C 50 -6.70 18.19 -29.72
CA GLY C 50 -7.53 17.08 -30.19
C GLY C 50 -8.83 17.56 -30.80
N VAL C 51 -9.60 16.61 -31.33
CA VAL C 51 -10.82 16.91 -32.07
C VAL C 51 -12.03 16.79 -31.17
N LEU C 52 -12.92 17.78 -31.30
CA LEU C 52 -14.16 17.85 -30.58
C LEU C 52 -15.25 18.26 -31.57
N ALA C 53 -15.98 17.25 -32.09
CA ALA C 53 -17.13 17.42 -32.98
C ALA C 53 -16.76 18.22 -34.22
N ASP C 54 -15.79 17.70 -34.99
CA ASP C 54 -15.46 18.22 -36.32
C ASP C 54 -14.76 19.60 -36.27
N GLN C 55 -14.15 19.97 -35.14
CA GLN C 55 -13.17 21.06 -35.08
C GLN C 55 -12.00 20.60 -34.20
N VAL C 56 -10.76 21.00 -34.55
CA VAL C 56 -9.62 20.77 -33.66
C VAL C 56 -9.59 21.88 -32.61
N TRP C 57 -9.07 21.57 -31.40
CA TRP C 57 -8.88 22.53 -30.34
C TRP C 57 -7.54 22.30 -29.65
N THR C 58 -6.92 23.37 -29.13
CA THR C 58 -5.84 23.22 -28.16
C THR C 58 -6.23 23.90 -26.86
N LEU C 59 -5.87 23.25 -25.74
CA LEU C 59 -6.34 23.61 -24.41
C LEU C 59 -5.14 23.69 -23.47
N THR C 60 -5.27 24.56 -22.47
CA THR C 60 -4.27 24.77 -21.45
C THR C 60 -4.88 25.60 -20.33
N GLN C 61 -4.20 25.64 -19.18
CA GLN C 61 -4.81 26.31 -18.04
C GLN C 61 -3.76 26.88 -17.10
N THR C 62 -4.26 27.86 -16.33
CA THR C 62 -3.61 28.44 -15.17
C THR C 62 -4.34 27.95 -13.91
N GLU C 63 -4.11 28.63 -12.77
CA GLU C 63 -4.72 28.26 -11.50
C GLU C 63 -6.21 28.61 -11.48
N ASP C 64 -6.60 29.65 -12.22
CA ASP C 64 -7.97 30.15 -12.17
C ASP C 64 -8.60 30.15 -13.56
N GLN C 65 -7.81 29.84 -14.60
CA GLN C 65 -8.24 30.08 -15.97
C GLN C 65 -7.99 28.85 -16.88
N LEU C 66 -9.06 28.45 -17.58
CA LEU C 66 -9.03 27.49 -18.68
C LEU C 66 -8.96 28.22 -20.02
N TYR C 67 -7.76 28.20 -20.65
CA TYR C 67 -7.51 28.85 -21.93
C TYR C 67 -7.70 27.84 -23.07
N CYS C 68 -8.45 28.23 -24.10
CA CYS C 68 -8.66 27.38 -25.27
C CYS C 68 -8.49 28.18 -26.57
N THR C 69 -8.15 27.47 -27.64
CA THR C 69 -8.15 28.04 -28.97
C THR C 69 -8.76 27.02 -29.92
N VAL C 70 -9.26 27.48 -31.06
CA VAL C 70 -9.88 26.60 -32.03
C VAL C 70 -9.21 26.81 -33.40
N TYR C 71 -9.13 25.72 -34.17
CA TYR C 71 -8.59 25.75 -35.53
C TYR C 71 -9.76 25.52 -36.50
N ARG C 72 -10.11 26.58 -37.24
CA ARG C 72 -10.89 26.45 -38.46
C ARG C 72 -9.88 26.46 -39.61
N GLY C 73 -10.31 25.95 -40.78
CA GLY C 73 -9.38 25.64 -41.86
C GLY C 73 -8.72 26.86 -42.50
N ASP C 74 -9.50 27.96 -42.63
CA ASP C 74 -9.27 29.01 -43.61
C ASP C 74 -9.22 30.40 -42.96
N ASP C 75 -8.10 31.09 -43.21
CA ASP C 75 -7.92 32.50 -42.86
C ASP C 75 -8.99 33.34 -43.56
N VAL C 78 -9.53 33.07 -39.65
CA VAL C 78 -9.06 32.67 -38.29
C VAL C 78 -9.53 33.71 -37.27
N SER C 79 -10.12 33.22 -36.17
CA SER C 79 -10.55 34.07 -35.07
C SER C 79 -10.44 33.31 -33.75
N ARG C 80 -10.68 34.03 -32.64
CA ARG C 80 -10.87 33.43 -31.34
C ARG C 80 -12.01 32.41 -31.39
N PRO C 81 -12.21 31.60 -30.33
CA PRO C 81 -13.46 30.86 -30.15
C PRO C 81 -14.67 31.78 -29.93
N THR C 82 -15.79 31.46 -30.58
CA THR C 82 -17.01 32.26 -30.43
C THR C 82 -17.59 32.00 -29.04
N LEU C 83 -18.70 32.68 -28.71
CA LEU C 83 -19.42 32.39 -27.49
C LEU C 83 -20.04 31.00 -27.59
N GLU C 84 -20.61 30.66 -28.76
CA GLU C 84 -21.35 29.44 -28.95
C GLU C 84 -20.45 28.20 -28.81
N GLU C 85 -19.21 28.33 -29.29
CA GLU C 85 -18.25 27.24 -29.20
C GLU C 85 -17.74 27.14 -27.76
N LEU C 86 -17.65 28.27 -27.07
CA LEU C 86 -17.25 28.28 -25.67
C LEU C 86 -18.33 27.65 -24.78
N GLU C 87 -19.58 27.59 -25.26
CA GLU C 87 -20.64 26.88 -24.55
C GLU C 87 -20.56 25.39 -24.86
N THR C 88 -20.13 25.04 -26.08
CA THR C 88 -19.93 23.65 -26.47
C THR C 88 -18.84 23.00 -25.63
N LEU C 89 -17.81 23.79 -25.32
CA LEU C 89 -16.70 23.35 -24.48
C LEU C 89 -17.19 23.22 -23.04
N HIS C 90 -17.86 24.26 -22.53
CA HIS C 90 -18.42 24.26 -21.18
C HIS C 90 -19.18 22.97 -20.92
N LYS C 91 -20.01 22.57 -21.90
CA LYS C 91 -20.92 21.46 -21.75
C LYS C 91 -20.18 20.13 -21.90
N TYR C 92 -19.10 20.12 -22.71
CA TYR C 92 -18.19 18.99 -22.79
C TYR C 92 -17.63 18.66 -21.40
N PHE C 93 -17.12 19.68 -20.71
CA PHE C 93 -16.50 19.51 -19.40
C PHE C 93 -17.53 19.60 -18.27
N GLN C 94 -18.84 19.60 -18.61
CA GLN C 94 -19.94 19.61 -17.67
C GLN C 94 -19.62 20.52 -16.49
N LEU C 95 -19.33 21.79 -16.78
CA LEU C 95 -18.79 22.71 -15.79
C LEU C 95 -19.90 23.30 -14.91
N ASP C 96 -21.18 23.01 -15.24
CA ASP C 96 -22.29 23.30 -14.35
C ASP C 96 -22.03 22.68 -12.98
N VAL C 97 -21.62 21.40 -13.03
CA VAL C 97 -21.48 20.53 -11.88
C VAL C 97 -20.29 20.93 -11.02
N SER C 98 -20.58 21.24 -9.75
CA SER C 98 -19.54 21.63 -8.82
C SER C 98 -18.85 20.38 -8.28
N LEU C 99 -17.56 20.27 -8.61
CA LEU C 99 -16.73 19.14 -8.21
C LEU C 99 -16.27 19.33 -6.77
N ALA C 100 -16.20 20.58 -6.30
CA ALA C 100 -15.76 20.88 -4.94
C ALA C 100 -16.80 20.45 -3.91
N GLN C 101 -18.06 20.31 -4.35
CA GLN C 101 -19.15 19.83 -3.52
C GLN C 101 -19.23 18.30 -3.57
N LEU C 102 -18.93 17.72 -4.73
CA LEU C 102 -18.96 16.28 -4.87
C LEU C 102 -17.81 15.64 -4.11
N TYR C 103 -16.64 16.28 -4.10
CA TYR C 103 -15.50 15.80 -3.34
C TYR C 103 -15.74 15.97 -1.83
N SER C 104 -16.59 16.93 -1.45
CA SER C 104 -16.95 17.14 -0.06
C SER C 104 -17.91 16.03 0.41
N HIS C 105 -18.96 15.76 -0.38
CA HIS C 105 -19.89 14.67 -0.09
C HIS C 105 -19.14 13.36 0.04
N TRP C 106 -18.38 13.02 -1.02
CA TRP C 106 -17.72 11.72 -1.11
C TRP C 106 -16.74 11.53 0.05
N ALA C 107 -16.02 12.59 0.43
CA ALA C 107 -15.03 12.49 1.49
C ALA C 107 -15.74 12.31 2.84
N SER C 108 -16.92 12.91 2.98
CA SER C 108 -17.66 12.84 4.24
C SER C 108 -18.09 11.40 4.51
N VAL C 109 -18.31 10.59 3.45
CA VAL C 109 -18.83 9.25 3.61
C VAL C 109 -17.84 8.18 3.13
N ASP C 110 -16.52 8.46 3.22
CA ASP C 110 -15.48 7.58 2.69
C ASP C 110 -14.12 8.23 2.96
N SER C 111 -13.41 7.75 3.98
CA SER C 111 -12.12 8.30 4.34
C SER C 111 -11.05 7.85 3.34
N HIS C 112 -11.30 6.72 2.64
CA HIS C 112 -10.36 6.27 1.63
C HIS C 112 -10.32 7.33 0.53
N PHE C 113 -11.52 7.72 0.06
CA PHE C 113 -11.66 8.71 -0.98
C PHE C 113 -11.01 10.02 -0.55
N GLN C 114 -11.06 10.33 0.74
CA GLN C 114 -10.47 11.55 1.24
C GLN C 114 -8.96 11.51 1.13
N ARG C 115 -8.33 10.37 1.47
CA ARG C 115 -6.87 10.32 1.43
C ARG C 115 -6.43 10.49 -0.03
N VAL C 116 -7.02 9.66 -0.90
CA VAL C 116 -6.65 9.59 -2.31
C VAL C 116 -6.85 10.94 -3.01
N ALA C 117 -8.01 11.57 -2.76
CA ALA C 117 -8.48 12.74 -3.50
C ALA C 117 -7.75 14.04 -3.16
N GLN C 118 -6.77 14.02 -2.25
CA GLN C 118 -6.01 15.23 -1.96
C GLN C 118 -5.01 15.51 -3.07
N LYS C 119 -4.41 14.46 -3.62
CA LYS C 119 -3.43 14.59 -4.70
C LYS C 119 -4.08 14.39 -6.07
N PHE C 120 -5.41 14.26 -6.15
CA PHE C 120 -6.06 14.14 -7.44
C PHE C 120 -7.32 15.01 -7.46
N GLN C 121 -7.13 16.33 -7.41
CA GLN C 121 -8.26 17.23 -7.58
C GLN C 121 -8.50 17.46 -9.06
N GLY C 122 -9.72 17.86 -9.39
CA GLY C 122 -10.06 18.30 -10.73
C GLY C 122 -10.50 17.18 -11.66
N VAL C 123 -10.56 15.93 -11.16
CA VAL C 123 -11.00 14.84 -12.00
C VAL C 123 -12.52 14.88 -12.08
N ARG C 124 -13.02 15.04 -13.31
CA ARG C 124 -14.43 15.10 -13.57
C ARG C 124 -14.70 14.32 -14.84
N LEU C 125 -15.97 14.24 -15.25
CA LEU C 125 -16.22 13.48 -16.45
C LEU C 125 -16.50 14.41 -17.62
N LEU C 126 -16.07 13.92 -18.79
CA LEU C 126 -16.37 14.51 -20.07
C LEU C 126 -17.73 13.99 -20.53
N ARG C 127 -18.53 14.91 -21.07
CA ARG C 127 -19.79 14.62 -21.72
C ARG C 127 -19.49 14.33 -23.19
N GLN C 128 -19.32 13.05 -23.50
CA GLN C 128 -18.82 12.61 -24.80
C GLN C 128 -19.95 12.55 -25.81
N ASP C 129 -19.57 12.47 -27.08
CA ASP C 129 -20.51 12.24 -28.16
C ASP C 129 -20.92 10.78 -28.09
N PRO C 130 -22.19 10.48 -27.73
CA PRO C 130 -22.64 9.10 -27.58
C PRO C 130 -21.99 8.16 -28.59
N THR C 131 -22.10 8.50 -29.86
CA THR C 131 -21.49 7.71 -30.93
C THR C 131 -20.02 7.45 -30.64
N GLU C 132 -19.25 8.53 -30.45
CA GLU C 132 -17.79 8.46 -30.45
C GLU C 132 -17.34 7.60 -29.26
N CYS C 133 -18.05 7.74 -28.14
CA CYS C 133 -17.74 7.04 -26.90
C CYS C 133 -17.82 5.52 -27.11
N LEU C 134 -18.91 5.08 -27.74
CA LEU C 134 -19.27 3.67 -27.91
C LEU C 134 -18.16 2.93 -28.67
N PHE C 135 -17.89 3.37 -29.91
CA PHE C 135 -17.02 2.64 -30.81
C PHE C 135 -15.59 2.70 -30.30
N SER C 136 -15.30 3.78 -29.57
CA SER C 136 -14.00 3.97 -28.94
C SER C 136 -13.81 2.90 -27.87
N PHE C 137 -14.90 2.64 -27.11
CA PHE C 137 -14.85 1.74 -25.97
C PHE C 137 -15.16 0.30 -26.36
N ILE C 138 -15.35 0.04 -27.66
CA ILE C 138 -15.32 -1.32 -28.18
C ILE C 138 -13.88 -1.75 -28.45
N CYS C 139 -12.99 -0.77 -28.62
CA CYS C 139 -11.59 -1.02 -28.90
C CYS C 139 -10.80 -1.21 -27.60
N SER C 140 -11.50 -1.06 -26.45
CA SER C 140 -10.90 -1.03 -25.11
C SER C 140 -10.53 -2.42 -24.60
N SER C 141 -11.12 -3.46 -25.22
CA SER C 141 -10.99 -4.83 -24.74
C SER C 141 -9.53 -5.25 -24.75
N ASN C 142 -9.06 -5.77 -23.60
CA ASN C 142 -7.71 -6.32 -23.48
C ASN C 142 -6.68 -5.27 -23.91
N ASN C 143 -6.79 -4.05 -23.37
CA ASN C 143 -6.00 -2.95 -23.88
C ASN C 143 -5.68 -1.95 -22.76
N ASN C 144 -4.54 -1.26 -22.95
CA ASN C 144 -4.15 -0.09 -22.17
C ASN C 144 -4.46 1.18 -22.97
N ILE C 145 -4.18 2.35 -22.40
CA ILE C 145 -4.52 3.64 -22.99
C ILE C 145 -3.73 3.88 -24.29
N ALA C 146 -2.39 3.68 -24.27
CA ALA C 146 -1.52 4.05 -25.37
C ALA C 146 -1.98 3.46 -26.70
N ARG C 147 -2.33 2.17 -26.69
CA ARG C 147 -2.74 1.46 -27.90
C ARG C 147 -4.16 1.82 -28.32
N ILE C 148 -5.07 2.03 -27.35
CA ILE C 148 -6.43 2.39 -27.68
C ILE C 148 -6.46 3.76 -28.37
N THR C 149 -5.48 4.60 -28.02
CA THR C 149 -5.37 5.94 -28.57
C THR C 149 -5.01 5.82 -30.05
N GLY C 150 -3.94 5.07 -30.36
CA GLY C 150 -3.61 4.72 -31.75
C GLY C 150 -4.83 4.25 -32.55
N MET C 151 -5.48 3.18 -32.08
CA MET C 151 -6.56 2.53 -32.79
C MET C 151 -7.67 3.52 -33.14
N VAL C 152 -7.97 4.46 -32.23
CA VAL C 152 -9.09 5.38 -32.43
C VAL C 152 -8.71 6.48 -33.42
N GLU C 153 -7.41 6.80 -33.46
CA GLU C 153 -6.86 7.72 -34.45
C GLU C 153 -7.09 7.14 -35.84
N ARG C 154 -6.58 5.92 -36.04
CA ARG C 154 -6.56 5.28 -37.34
C ARG C 154 -7.99 4.98 -37.77
N LEU C 155 -8.90 4.68 -36.83
CA LEU C 155 -10.31 4.49 -37.17
C LEU C 155 -10.93 5.81 -37.67
N CYS C 156 -10.41 6.93 -37.19
CA CYS C 156 -10.91 8.22 -37.62
C CYS C 156 -10.24 8.64 -38.93
N GLN C 157 -8.95 8.30 -39.14
CA GLN C 157 -8.26 8.59 -40.39
C GLN C 157 -8.95 7.91 -41.58
N ALA C 158 -9.19 6.60 -41.42
CA ALA C 158 -9.79 5.75 -42.43
C ALA C 158 -11.19 6.23 -42.76
N PHE C 159 -12.06 6.27 -41.75
CA PHE C 159 -13.50 6.34 -41.94
C PHE C 159 -14.02 7.77 -41.77
N GLY C 160 -13.21 8.64 -41.16
CA GLY C 160 -13.63 9.97 -40.78
C GLY C 160 -13.07 11.06 -41.69
N PRO C 161 -13.79 12.21 -41.78
CA PRO C 161 -13.46 13.30 -42.70
C PRO C 161 -12.24 14.08 -42.23
N ARG C 162 -11.33 14.41 -43.16
CA ARG C 162 -10.18 15.24 -42.88
C ARG C 162 -10.64 16.63 -42.42
N LEU C 163 -10.01 17.15 -41.35
CA LEU C 163 -10.41 18.43 -40.78
C LEU C 163 -9.34 19.50 -41.00
N ILE C 164 -8.08 19.21 -40.66
CA ILE C 164 -6.98 20.16 -40.80
C ILE C 164 -5.67 19.42 -40.57
N GLN C 165 -4.55 20.07 -40.89
CA GLN C 165 -3.22 19.61 -40.50
C GLN C 165 -2.50 20.65 -39.65
N LEU C 166 -1.70 20.17 -38.67
CA LEU C 166 -0.96 20.99 -37.72
C LEU C 166 0.37 20.30 -37.45
N ASP C 167 1.49 21.03 -37.58
CA ASP C 167 2.80 20.40 -37.73
C ASP C 167 2.59 19.12 -38.56
N ASP C 168 3.02 17.95 -38.06
CA ASP C 168 3.07 16.78 -38.93
C ASP C 168 1.80 15.94 -38.78
N VAL C 169 0.76 16.48 -38.13
CA VAL C 169 -0.33 15.67 -37.61
C VAL C 169 -1.59 15.98 -38.41
N THR C 170 -2.36 14.96 -38.80
CA THR C 170 -3.54 15.18 -39.62
C THR C 170 -4.79 14.70 -38.89
N TYR C 171 -5.66 15.65 -38.57
CA TYR C 171 -6.80 15.42 -37.71
C TYR C 171 -8.03 15.07 -38.55
N HIS C 172 -8.66 13.94 -38.21
CA HIS C 172 -9.95 13.58 -38.80
C HIS C 172 -10.99 13.54 -37.70
N GLY C 173 -12.25 13.88 -38.06
CA GLY C 173 -13.40 13.77 -37.17
C GLY C 173 -13.77 12.31 -36.91
N PHE C 174 -14.75 12.09 -36.02
CA PHE C 174 -15.25 10.75 -35.75
C PHE C 174 -16.33 10.37 -36.77
N PRO C 175 -16.22 9.20 -37.44
CA PRO C 175 -17.20 8.79 -38.46
C PRO C 175 -18.66 8.81 -38.01
N ASN C 176 -19.57 9.02 -38.97
CA ASN C 176 -20.98 8.94 -38.66
C ASN C 176 -21.42 7.48 -38.73
N LEU C 177 -22.65 7.24 -38.28
CA LEU C 177 -23.26 5.91 -38.28
C LEU C 177 -23.22 5.33 -39.68
N HIS C 178 -23.66 6.12 -40.69
CA HIS C 178 -23.74 5.67 -42.07
C HIS C 178 -22.37 5.24 -42.61
N ALA C 179 -21.30 5.92 -42.18
CA ALA C 179 -19.94 5.57 -42.62
C ALA C 179 -19.60 4.16 -42.16
N LEU C 180 -19.96 3.85 -40.90
CA LEU C 180 -19.59 2.59 -40.28
C LEU C 180 -20.57 1.47 -40.63
N ALA C 181 -21.68 1.81 -41.30
CA ALA C 181 -22.79 0.88 -41.55
C ALA C 181 -22.85 0.45 -43.01
N GLY C 182 -21.91 0.91 -43.84
CA GLY C 182 -21.85 0.53 -45.25
C GLY C 182 -21.50 -0.95 -45.43
N PRO C 183 -21.81 -1.55 -46.60
CA PRO C 183 -21.63 -2.99 -46.81
C PRO C 183 -20.22 -3.54 -46.53
N GLU C 184 -19.18 -2.80 -46.95
CA GLU C 184 -17.80 -3.24 -46.76
C GLU C 184 -17.16 -2.53 -45.57
N ALA C 185 -17.96 -2.14 -44.57
CA ALA C 185 -17.44 -1.47 -43.40
C ALA C 185 -16.63 -2.43 -42.52
N GLU C 186 -16.97 -3.73 -42.56
CA GLU C 186 -16.26 -4.75 -41.80
C GLU C 186 -14.94 -5.12 -42.48
N THR C 187 -14.92 -5.08 -43.83
CA THR C 187 -13.73 -5.41 -44.58
C THR C 187 -12.61 -4.43 -44.28
N HIS C 188 -12.94 -3.13 -44.43
CA HIS C 188 -12.03 -2.01 -44.22
C HIS C 188 -11.45 -2.09 -42.80
N LEU C 189 -12.33 -2.15 -41.81
CA LEU C 189 -11.96 -2.11 -40.40
C LEU C 189 -10.96 -3.23 -40.08
N ARG C 190 -11.23 -4.43 -40.60
CA ARG C 190 -10.46 -5.61 -40.21
C ARG C 190 -9.08 -5.55 -40.88
N LYS C 191 -8.85 -4.53 -41.72
CA LYS C 191 -7.52 -4.28 -42.25
C LYS C 191 -6.58 -3.78 -41.15
N LEU C 192 -7.16 -3.24 -40.07
CA LEU C 192 -6.43 -2.35 -39.18
C LEU C 192 -5.69 -3.13 -38.07
N GLY C 193 -6.22 -4.31 -37.71
CA GLY C 193 -5.70 -5.09 -36.59
C GLY C 193 -6.54 -4.92 -35.32
N LEU C 194 -7.87 -4.88 -35.49
CA LEU C 194 -8.85 -4.68 -34.41
C LEU C 194 -9.43 -6.01 -33.95
N GLY C 195 -8.90 -7.14 -34.44
CA GLY C 195 -9.55 -8.41 -34.24
C GLY C 195 -11.06 -8.26 -34.40
N TYR C 196 -11.79 -8.87 -33.43
CA TYR C 196 -13.22 -9.14 -33.53
C TYR C 196 -14.06 -7.87 -33.59
N ARG C 197 -13.51 -6.75 -33.13
CA ARG C 197 -14.29 -5.55 -32.85
C ARG C 197 -15.04 -5.09 -34.11
N ALA C 198 -14.40 -5.25 -35.27
CA ALA C 198 -14.88 -4.69 -36.54
C ALA C 198 -16.30 -5.13 -36.90
N ARG C 199 -16.72 -6.30 -36.41
CA ARG C 199 -18.01 -6.89 -36.75
C ARG C 199 -19.13 -6.20 -35.96
N TYR C 200 -18.91 -6.05 -34.63
CA TYR C 200 -19.92 -5.47 -33.77
C TYR C 200 -20.10 -4.00 -34.14
N VAL C 201 -19.00 -3.33 -34.48
CA VAL C 201 -19.07 -1.94 -34.92
C VAL C 201 -20.10 -1.83 -36.06
N ARG C 202 -19.91 -2.60 -37.13
CA ARG C 202 -20.70 -2.41 -38.34
C ARG C 202 -22.16 -2.81 -38.11
N ALA C 203 -22.37 -3.87 -37.32
CA ALA C 203 -23.72 -4.33 -37.01
C ALA C 203 -24.44 -3.29 -36.15
N SER C 204 -23.76 -2.83 -35.09
CA SER C 204 -24.34 -1.87 -34.15
C SER C 204 -24.64 -0.54 -34.85
N ALA C 205 -23.75 -0.10 -35.73
CA ALA C 205 -24.02 1.07 -36.54
C ALA C 205 -25.26 0.82 -37.41
N LYS C 206 -25.29 -0.37 -38.02
CA LYS C 206 -26.33 -0.72 -38.96
C LYS C 206 -27.68 -0.92 -38.25
N ALA C 207 -27.63 -1.25 -36.95
CA ALA C 207 -28.82 -1.41 -36.14
C ALA C 207 -29.43 -0.05 -35.83
N ILE C 208 -28.61 0.85 -35.26
CA ILE C 208 -29.05 2.13 -34.74
C ILE C 208 -29.69 2.99 -35.85
N LEU C 209 -29.19 2.89 -37.09
CA LEU C 209 -29.79 3.66 -38.18
C LEU C 209 -31.15 3.08 -38.56
N GLU C 210 -31.20 1.77 -38.84
CA GLU C 210 -32.37 1.13 -39.45
C GLU C 210 -33.40 0.73 -38.39
N GLU C 211 -32.92 0.03 -37.35
CA GLU C 211 -33.79 -0.57 -36.35
C GLU C 211 -34.30 0.49 -35.38
N GLN C 212 -33.43 1.44 -34.99
CA GLN C 212 -33.71 2.35 -33.87
C GLN C 212 -34.12 3.74 -34.34
N GLY C 213 -33.67 4.17 -35.53
CA GLY C 213 -34.09 5.43 -36.13
C GLY C 213 -33.01 6.52 -36.21
N GLY C 214 -31.74 6.16 -35.95
CA GLY C 214 -30.61 7.08 -36.19
C GLY C 214 -29.85 7.46 -34.92
N PRO C 215 -29.19 8.65 -34.87
CA PRO C 215 -28.52 9.14 -33.66
C PRO C 215 -29.43 9.69 -32.56
N ALA C 216 -30.68 10.04 -32.92
CA ALA C 216 -31.64 10.61 -31.99
C ALA C 216 -32.13 9.56 -31.00
N TRP C 217 -31.89 8.28 -31.30
CA TRP C 217 -32.16 7.19 -30.37
C TRP C 217 -31.23 7.27 -29.17
N LEU C 218 -29.94 7.53 -29.43
CA LEU C 218 -28.97 7.55 -28.37
C LEU C 218 -29.18 8.82 -27.52
N GLN C 219 -29.79 9.85 -28.14
CA GLN C 219 -30.11 11.12 -27.48
C GLN C 219 -31.35 10.99 -26.58
N GLN C 220 -32.16 9.95 -26.80
CA GLN C 220 -33.29 9.65 -25.94
C GLN C 220 -32.78 8.91 -24.69
N LEU C 221 -31.74 8.10 -24.86
CA LEU C 221 -31.14 7.39 -23.76
C LEU C 221 -30.54 8.38 -22.76
N ARG C 222 -30.18 9.57 -23.24
CA ARG C 222 -29.65 10.63 -22.40
C ARG C 222 -30.74 11.20 -21.48
N VAL C 223 -32.01 11.16 -21.90
CA VAL C 223 -33.09 11.71 -21.09
C VAL C 223 -33.91 10.58 -20.43
N ALA C 224 -33.66 9.31 -20.81
CA ALA C 224 -34.25 8.17 -20.13
C ALA C 224 -33.61 8.03 -18.74
N PRO C 225 -34.19 7.24 -17.79
CA PRO C 225 -33.48 6.83 -16.57
C PRO C 225 -32.29 5.89 -16.82
N TYR C 226 -31.28 5.96 -15.93
CA TYR C 226 -30.05 5.17 -16.04
C TYR C 226 -30.38 3.73 -16.44
N GLU C 227 -31.30 3.10 -15.68
CA GLU C 227 -31.50 1.66 -15.76
C GLU C 227 -32.10 1.27 -17.12
N GLU C 228 -32.93 2.17 -17.67
CA GLU C 228 -33.52 1.98 -18.99
C GLU C 228 -32.44 2.05 -20.06
N ALA C 229 -31.54 3.03 -19.91
CA ALA C 229 -30.48 3.30 -20.87
C ALA C 229 -29.43 2.17 -20.85
N HIS C 230 -29.12 1.63 -19.66
CA HIS C 230 -28.16 0.55 -19.53
C HIS C 230 -28.72 -0.70 -20.21
N LYS C 231 -29.94 -1.08 -19.81
CA LYS C 231 -30.72 -2.13 -20.45
C LYS C 231 -30.64 -1.96 -21.98
N ALA C 232 -30.95 -0.76 -22.46
CA ALA C 232 -31.14 -0.50 -23.89
C ALA C 232 -29.81 -0.56 -24.65
N LEU C 233 -28.69 -0.19 -24.00
CA LEU C 233 -27.38 -0.24 -24.61
C LEU C 233 -26.92 -1.69 -24.77
N CYS C 234 -27.42 -2.56 -23.89
CA CYS C 234 -27.02 -3.95 -23.86
C CYS C 234 -27.79 -4.76 -24.90
N THR C 235 -28.73 -4.09 -25.60
CA THR C 235 -29.37 -4.60 -26.82
C THR C 235 -28.37 -4.76 -27.94
N LEU C 236 -27.32 -3.91 -27.95
CA LEU C 236 -26.44 -3.79 -29.09
C LEU C 236 -25.38 -4.88 -29.04
N PRO C 237 -25.14 -5.56 -30.18
CA PRO C 237 -23.99 -6.47 -30.30
C PRO C 237 -22.70 -5.77 -29.90
N GLY C 238 -21.82 -6.53 -29.23
CA GLY C 238 -20.51 -6.06 -28.78
C GLY C 238 -20.53 -5.29 -27.46
N VAL C 239 -21.75 -4.91 -27.02
CA VAL C 239 -22.01 -4.06 -25.86
C VAL C 239 -22.54 -4.93 -24.72
N GLY C 240 -21.67 -5.14 -23.72
CA GLY C 240 -21.92 -6.04 -22.60
C GLY C 240 -22.58 -5.35 -21.41
N ALA C 241 -21.76 -4.89 -20.45
CA ALA C 241 -22.25 -4.26 -19.23
C ALA C 241 -21.20 -3.35 -18.60
N LYS C 242 -19.90 -3.70 -18.72
CA LYS C 242 -18.84 -2.80 -18.30
C LYS C 242 -18.89 -1.54 -19.17
N VAL C 243 -18.80 -1.78 -20.48
CA VAL C 243 -18.72 -0.73 -21.49
C VAL C 243 -19.97 0.15 -21.42
N ALA C 244 -21.12 -0.49 -21.17
CA ALA C 244 -22.40 0.18 -21.19
C ALA C 244 -22.53 1.15 -20.00
N ASP C 245 -21.81 0.81 -18.91
CA ASP C 245 -21.72 1.63 -17.71
C ASP C 245 -20.80 2.81 -18.00
N CYS C 246 -19.75 2.59 -18.80
CA CYS C 246 -18.86 3.68 -19.21
C CYS C 246 -19.66 4.72 -20.01
N ILE C 247 -20.31 4.22 -21.06
CA ILE C 247 -21.08 5.08 -21.94
C ILE C 247 -22.18 5.81 -21.16
N CYS C 248 -22.91 5.10 -20.30
CA CYS C 248 -23.97 5.68 -19.49
C CYS C 248 -23.46 6.86 -18.66
N LEU C 249 -22.25 6.65 -18.14
CA LEU C 249 -21.55 7.58 -17.29
C LEU C 249 -21.01 8.73 -18.13
N MET C 250 -20.37 8.36 -19.24
CA MET C 250 -19.51 9.27 -19.99
C MET C 250 -20.30 10.12 -21.00
N ALA C 251 -21.32 9.54 -21.65
CA ALA C 251 -22.07 10.18 -22.71
C ALA C 251 -23.50 10.54 -22.28
N LEU C 252 -24.15 9.71 -21.45
CA LEU C 252 -25.60 9.75 -21.35
C LEU C 252 -26.06 10.39 -20.05
N ASP C 253 -25.19 11.19 -19.41
CA ASP C 253 -25.55 11.94 -18.20
C ASP C 253 -26.15 11.03 -17.12
N LYS C 254 -25.56 9.84 -16.93
CA LYS C 254 -25.82 8.99 -15.78
C LYS C 254 -24.60 9.06 -14.87
N PRO C 255 -24.54 10.04 -13.96
CA PRO C 255 -23.43 10.12 -13.02
C PRO C 255 -23.40 8.99 -11.98
N GLN C 256 -24.45 8.15 -11.94
CA GLN C 256 -24.55 7.07 -10.97
C GLN C 256 -24.29 5.72 -11.63
N ALA C 257 -23.82 5.70 -12.89
CA ALA C 257 -23.35 4.45 -13.45
C ALA C 257 -21.94 4.21 -12.93
N VAL C 258 -21.63 2.97 -12.52
CA VAL C 258 -20.30 2.65 -12.01
C VAL C 258 -19.77 1.46 -12.78
N PRO C 259 -18.80 1.65 -13.68
CA PRO C 259 -18.25 0.54 -14.44
C PRO C 259 -17.45 -0.35 -13.50
N VAL C 260 -17.54 -1.65 -13.74
CA VAL C 260 -16.84 -2.61 -12.89
C VAL C 260 -15.93 -3.49 -13.74
N ASP C 261 -14.61 -3.23 -13.65
CA ASP C 261 -13.55 -3.95 -14.33
C ASP C 261 -12.80 -4.76 -13.27
N VAL C 262 -11.56 -5.17 -13.55
CA VAL C 262 -10.77 -5.88 -12.56
C VAL C 262 -9.89 -4.90 -11.79
N HIS C 263 -9.77 -3.65 -12.26
CA HIS C 263 -9.14 -2.58 -11.50
C HIS C 263 -9.99 -2.22 -10.29
N VAL C 264 -11.29 -2.02 -10.52
CA VAL C 264 -12.20 -1.58 -9.47
C VAL C 264 -12.51 -2.77 -8.56
N TRP C 265 -12.40 -3.99 -9.07
CA TRP C 265 -12.58 -5.20 -8.27
C TRP C 265 -11.44 -5.30 -7.25
N GLN C 266 -10.28 -4.76 -7.63
CA GLN C 266 -9.06 -4.83 -6.84
C GLN C 266 -9.01 -3.68 -5.82
N ILE C 267 -9.46 -2.51 -6.23
CA ILE C 267 -9.66 -1.39 -5.33
C ILE C 267 -10.68 -1.78 -4.26
N ALA C 268 -11.79 -2.39 -4.70
CA ALA C 268 -12.89 -2.71 -3.80
C ALA C 268 -12.37 -3.56 -2.65
N HIS C 269 -11.69 -4.65 -3.02
CA HIS C 269 -11.28 -5.67 -2.08
C HIS C 269 -10.16 -5.13 -1.20
N ARG C 270 -9.16 -4.47 -1.80
CA ARG C 270 -7.97 -4.07 -1.05
C ARG C 270 -8.30 -2.89 -0.12
N ASP C 271 -8.94 -1.88 -0.69
CA ASP C 271 -9.06 -0.56 -0.07
C ASP C 271 -10.42 -0.37 0.59
N TYR C 272 -11.42 -1.22 0.29
CA TYR C 272 -12.73 -1.19 0.96
C TYR C 272 -13.06 -2.50 1.72
N GLY C 273 -12.22 -3.53 1.62
CA GLY C 273 -12.48 -4.78 2.30
C GLY C 273 -13.72 -5.48 1.75
N TRP C 274 -14.11 -5.13 0.51
CA TRP C 274 -15.35 -5.65 -0.05
C TRP C 274 -15.09 -7.04 -0.61
N HIS C 275 -16.06 -7.91 -0.37
CA HIS C 275 -16.12 -9.22 -0.98
C HIS C 275 -17.55 -9.38 -1.49
N PRO C 276 -17.83 -10.30 -2.44
CA PRO C 276 -19.20 -10.55 -2.86
C PRO C 276 -19.89 -11.27 -1.70
N LYS C 277 -21.02 -10.71 -1.28
CA LYS C 277 -21.70 -11.11 -0.06
C LYS C 277 -22.77 -12.12 -0.45
N THR C 278 -23.09 -12.20 -1.75
CA THR C 278 -23.89 -13.28 -2.29
C THR C 278 -23.11 -14.59 -2.16
N SER C 279 -21.77 -14.48 -2.13
CA SER C 279 -20.91 -15.52 -1.58
C SER C 279 -20.90 -16.79 -2.42
N GLN C 280 -21.13 -16.67 -3.73
CA GLN C 280 -21.22 -17.83 -4.61
C GLN C 280 -19.83 -18.30 -5.01
N ALA C 281 -18.97 -17.35 -5.38
CA ALA C 281 -17.54 -17.55 -5.43
C ALA C 281 -16.90 -16.38 -4.71
N LYS C 282 -15.65 -16.06 -5.05
CA LYS C 282 -15.08 -14.74 -4.80
C LYS C 282 -14.25 -14.29 -6.02
N GLY C 283 -14.72 -14.66 -7.21
CA GLY C 283 -14.17 -14.12 -8.45
C GLY C 283 -15.06 -12.99 -8.98
N PRO C 284 -14.62 -12.25 -10.02
CA PRO C 284 -15.55 -11.50 -10.87
C PRO C 284 -16.57 -12.41 -11.57
N SER C 285 -17.81 -11.91 -11.65
CA SER C 285 -18.92 -12.59 -12.29
C SER C 285 -19.94 -11.52 -12.68
N PRO C 286 -20.96 -11.83 -13.51
CA PRO C 286 -22.00 -10.84 -13.83
C PRO C 286 -22.70 -10.30 -12.58
N LEU C 287 -23.07 -11.22 -11.67
CA LEU C 287 -23.93 -10.89 -10.55
C LEU C 287 -23.13 -10.24 -9.40
N ALA C 288 -21.84 -10.58 -9.27
CA ALA C 288 -20.96 -9.96 -8.29
C ALA C 288 -20.61 -8.53 -8.73
N ASN C 289 -20.33 -8.41 -10.04
CA ASN C 289 -20.05 -7.15 -10.69
C ASN C 289 -21.20 -6.18 -10.44
N LYS C 290 -22.43 -6.62 -10.76
CA LYS C 290 -23.55 -5.76 -10.49
C LYS C 290 -23.60 -5.46 -8.98
N GLU C 291 -23.34 -6.46 -8.13
CA GLU C 291 -23.43 -6.23 -6.69
C GLU C 291 -22.42 -5.15 -6.31
N LEU C 292 -21.24 -5.19 -6.94
CA LEU C 292 -20.22 -4.20 -6.64
C LEU C 292 -20.66 -2.79 -7.06
N GLY C 293 -21.24 -2.70 -8.27
CA GLY C 293 -21.78 -1.45 -8.74
C GLY C 293 -22.68 -0.80 -7.69
N ASN C 294 -23.59 -1.63 -7.16
CA ASN C 294 -24.61 -1.19 -6.21
C ASN C 294 -23.92 -0.70 -4.94
N PHE C 295 -22.95 -1.50 -4.50
CA PHE C 295 -22.18 -1.13 -3.33
C PHE C 295 -21.76 0.32 -3.48
N PHE C 296 -21.16 0.67 -4.63
CA PHE C 296 -20.53 1.98 -4.79
C PHE C 296 -21.58 3.09 -4.90
N ARG C 297 -22.68 2.86 -5.63
CA ARG C 297 -23.80 3.80 -5.62
C ARG C 297 -24.30 4.10 -4.21
N ASN C 298 -24.49 3.03 -3.41
CA ASN C 298 -25.00 3.14 -2.05
C ASN C 298 -24.10 4.04 -1.22
N LEU C 299 -22.78 3.91 -1.43
CA LEU C 299 -21.77 4.57 -0.60
C LEU C 299 -21.60 6.03 -1.01
N TRP C 300 -21.53 6.27 -2.33
CA TRP C 300 -21.11 7.57 -2.85
C TRP C 300 -22.31 8.48 -3.11
N GLY C 301 -23.35 7.91 -3.73
CA GLY C 301 -24.60 8.64 -3.88
C GLY C 301 -24.98 8.71 -5.36
N PRO C 302 -25.50 9.87 -5.82
CA PRO C 302 -25.99 10.00 -7.19
C PRO C 302 -24.87 10.21 -8.23
N TYR C 303 -23.66 10.55 -7.75
CA TYR C 303 -22.50 10.79 -8.60
C TYR C 303 -21.46 9.69 -8.38
N ALA C 304 -21.88 8.43 -8.56
CA ALA C 304 -21.07 7.28 -8.17
C ALA C 304 -20.00 7.00 -9.23
N GLY C 305 -20.40 7.03 -10.50
CA GLY C 305 -19.46 6.88 -11.61
C GLY C 305 -18.32 7.91 -11.61
N TRP C 306 -18.61 9.12 -11.12
CA TRP C 306 -17.65 10.22 -11.10
C TRP C 306 -16.60 10.00 -10.02
N ALA C 307 -17.05 9.58 -8.84
CA ALA C 307 -16.18 9.18 -7.74
C ALA C 307 -15.29 8.01 -8.19
N GLN C 308 -15.90 7.07 -8.91
CA GLN C 308 -15.17 5.90 -9.36
C GLN C 308 -14.04 6.33 -10.31
N ALA C 309 -14.26 7.41 -11.08
CA ALA C 309 -13.30 7.87 -12.08
C ALA C 309 -12.11 8.57 -11.44
N VAL C 310 -12.35 9.28 -10.32
CA VAL C 310 -11.28 9.82 -9.50
C VAL C 310 -10.35 8.68 -9.06
N LEU C 311 -10.91 7.54 -8.66
CA LEU C 311 -10.07 6.49 -8.08
C LEU C 311 -9.32 5.75 -9.19
N PHE C 312 -10.02 5.52 -10.29
CA PHE C 312 -9.43 4.98 -11.50
C PHE C 312 -8.22 5.81 -11.92
N SER C 313 -8.48 7.12 -12.00
CA SER C 313 -7.52 8.09 -12.48
C SER C 313 -6.34 8.19 -11.52
N ALA C 314 -6.48 7.71 -10.26
CA ALA C 314 -5.33 7.65 -9.36
C ALA C 314 -4.64 6.28 -9.42
N ASP C 315 -5.42 5.22 -9.67
CA ASP C 315 -4.82 3.89 -9.77
C ASP C 315 -3.88 3.77 -10.98
N LEU C 316 -3.96 4.69 -11.95
CA LEU C 316 -3.02 4.75 -13.07
C LEU C 316 -1.66 5.27 -12.63
N ARG C 317 -1.66 6.23 -11.69
CA ARG C 317 -0.45 6.79 -11.12
C ARG C 317 -0.25 6.17 -9.73
#